data_8JCD
#
_entry.id   8JCD
#
_cell.length_a   1.00
_cell.length_b   1.00
_cell.length_c   1.00
_cell.angle_alpha   90.00
_cell.angle_beta   90.00
_cell.angle_gamma   90.00
#
_symmetry.space_group_name_H-M   'P 1'
#
loop_
_entity.id
_entity.type
_entity.pdbx_description
1 polymer 'Histone H3.1'
2 polymer 'Histone H4'
3 polymer 'Histone H2A type 1-B/E'
4 polymer 'Histone H2B type W-T'
5 polymer 'DNA (147-MER)'
6 polymer 'DNA (147-MER)'
#
loop_
_entity_poly.entity_id
_entity_poly.type
_entity_poly.pdbx_seq_one_letter_code
_entity_poly.pdbx_strand_id
1 'polypeptide(L)'
;ARTKQTARKSTGGKAPRKQLATKAARKSAPATGGVKKPHRYRPGTVALREIRRYQKSTELLIRKLPFQRLVREIAQDFKT
DLRFQSSAVMALQEACEAYLVGLFEDTNLCAIHAKRVTIMPKDIQLARRIRGERA
;
A,E
2 'polypeptide(L)'
;SGRGKGGKGLGKGGAKRHRKVLRDNIQGITKPAIRRLARRGGVKRISGLIYEETRGVLKVFLENVIRDAVTYTEHAKRKT
VTAMDVVYALKRQGRTLYGFGG
;
B,F
3 'polypeptide(L)'
;SGRGKQGGKARAKAKTRSSRAGLQFPVGRVHRLLRKGNYSERVGAGAPVYLAAVLEYLTAEILELAGNAARDNKKTRIIP
RHLQLAIRNDEELNKLLGRVTIAQGGVLPNIQAVLLPKKTESHHKAKGK
;
C,G
4 'polypeptide(L)'
;ATASAMAGPSSETTSEEQLITQEPKEANSTTSQKQSKQRKRGRHGPRRCHSNCRGDSFATYFRRVLKQVHQGLSLSREAV
SVMDSLVHDILDRIATEAGRLARSTKRQTITAWETRMAVRLLLPGQMGKLAESEGTKAVLRTSLYAIQQQRK
;
D,H
5 'polydeoxyribonucleotide'
;(DA)(DT)(DC)(DG)(DG)(DA)(DT)(DG)(DT)(DA)(DT)(DA)(DT)(DA)(DT)(DC)(DT)(DG)(DA)(DC)
(DA)(DC)(DG)(DT)(DG)(DC)(DC)(DT)(DG)(DG)(DA)(DG)(DA)(DC)(DT)(DA)(DG)(DG)(DG)(DA)
(DG)(DT)(DA)(DA)(DT)(DC)(DC)(DC)(DC)(DT)(DT)(DG)(DG)(DC)(DG)(DG)(DT)(DT)(DA)(DA)
(DA)(DA)(DC)(DG)(DC)(DG)(DG)(DG)(DG)(DG)(DA)(DC)(DA)(DG)(DC)(DG)(DC)(DG)(DT)(DA)
(DC)(DG)(DT)(DG)(DC)(DG)(DT)(DT)(DT)(DA)(DA)(DG)(DC)(DG)(DG)(DT)(DG)(DC)(DT)(DA)
(DG)(DA)(DG)(DC)(DT)(DG)(DT)(DC)(DT)(DA)(DC)(DG)(DA)(DC)(DC)(DA)(DA)(DT)(DT)(DG)
(DA)(DG)(DC)(DG)(DG)(DC)(DC)(DT)(DC)(DG)(DG)(DC)(DA)(DC)(DC)(DG)(DG)(DG)(DA)(DT)
(DT)(DC)(DT)(DC)(DG)(DA)(DT)
;
I
6 'polydeoxyribonucleotide'
;(DA)(DT)(DC)(DG)(DA)(DG)(DA)(DA)(DT)(DC)(DC)(DC)(DG)(DG)(DT)(DG)(DC)(DC)(DG)(DA)
(DG)(DG)(DC)(DC)(DG)(DC)(DT)(DC)(DA)(DA)(DT)(DT)(DG)(DG)(DT)(DC)(DG)(DT)(DA)(DG)
(DA)(DC)(DA)(DG)(DC)(DT)(DC)(DT)(DA)(DG)(DC)(DA)(DC)(DC)(DG)(DC)(DT)(DT)(DA)(DA)
(DA)(DC)(DG)(DC)(DA)(DC)(DG)(DT)(DA)(DC)(DG)(DC)(DG)(DC)(DT)(DG)(DT)(DC)(DC)(DC)
(DC)(DC)(DG)(DC)(DG)(DT)(DT)(DT)(DT)(DA)(DA)(DC)(DC)(DG)(DC)(DC)(DA)(DA)(DG)(DG)
(DG)(DG)(DA)(DT)(DT)(DA)(DC)(DT)(DC)(DC)(DC)(DT)(DA)(DG)(DT)(DC)(DT)(DC)(DC)(DA)
(DG)(DG)(DC)(DA)(DC)(DG)(DT)(DG)(DT)(DC)(DA)(DG)(DA)(DT)(DA)(DT)(DA)(DT)(DA)(DC)
(DA)(DT)(DC)(DC)(DG)(DA)(DT)
;
J
#
# COMPACT_ATOMS: atom_id res chain seq x y z
N TYR A 41 8.18 2.47 -44.23
CA TYR A 41 8.04 1.43 -45.24
C TYR A 41 8.76 0.16 -44.82
N ARG A 42 10.06 0.30 -44.58
CA ARG A 42 10.85 -0.82 -44.10
C ARG A 42 10.42 -1.19 -42.68
N PRO A 43 10.67 -2.44 -42.26
CA PRO A 43 10.34 -2.82 -40.88
C PRO A 43 10.89 -1.85 -39.86
N GLY A 44 9.99 -1.15 -39.17
CA GLY A 44 10.35 -0.02 -38.33
C GLY A 44 9.83 1.28 -38.92
N THR A 45 10.12 2.37 -38.19
CA THR A 45 9.73 3.73 -38.59
C THR A 45 8.22 3.89 -38.63
N VAL A 46 7.48 2.82 -38.34
CA VAL A 46 6.05 2.86 -38.20
C VAL A 46 5.62 2.54 -36.78
N ALA A 47 6.33 1.61 -36.13
CA ALA A 47 6.11 1.37 -34.70
C ALA A 47 6.44 2.61 -33.88
N LEU A 48 7.54 3.29 -34.22
CA LEU A 48 7.90 4.52 -33.52
C LEU A 48 6.85 5.61 -33.73
N ARG A 49 6.35 5.74 -34.96
CA ARG A 49 5.27 6.70 -35.22
C ARG A 49 4.02 6.35 -34.45
N GLU A 50 3.71 5.05 -34.34
CA GLU A 50 2.56 4.62 -33.56
C GLU A 50 2.75 4.95 -32.08
N ILE A 51 3.97 4.76 -31.55
CA ILE A 51 4.24 5.15 -30.17
C ILE A 51 4.05 6.64 -29.98
N ARG A 52 4.55 7.44 -30.93
CA ARG A 52 4.41 8.88 -30.83
C ARG A 52 2.95 9.31 -30.83
N ARG A 53 2.14 8.68 -31.70
CA ARG A 53 0.75 9.08 -31.83
C ARG A 53 -0.14 8.49 -30.76
N TYR A 54 0.30 7.44 -30.07
CA TYR A 54 -0.51 6.78 -29.05
C TYR A 54 -0.13 7.15 -27.63
N GLN A 55 1.10 7.62 -27.39
CA GLN A 55 1.43 8.15 -26.07
C GLN A 55 0.85 9.53 -25.86
N LYS A 56 0.76 10.33 -26.93
CA LYS A 56 0.20 11.67 -26.84
C LYS A 56 -1.29 11.63 -26.52
N SER A 57 -2.04 10.73 -27.16
CA SER A 57 -3.48 10.66 -26.99
C SER A 57 -3.83 9.97 -25.68
N THR A 58 -5.13 9.92 -25.38
CA THR A 58 -5.60 9.31 -24.14
C THR A 58 -6.85 8.45 -24.35
N GLU A 59 -7.28 8.23 -25.58
CA GLU A 59 -8.49 7.48 -25.85
C GLU A 59 -8.32 6.01 -25.45
N LEU A 60 -9.44 5.37 -25.15
CA LEU A 60 -9.41 3.97 -24.76
C LEU A 60 -8.95 3.09 -25.91
N LEU A 61 -8.19 2.04 -25.58
CA LEU A 61 -7.59 1.17 -26.57
C LEU A 61 -8.24 -0.21 -26.66
N ILE A 62 -8.91 -0.66 -25.61
CA ILE A 62 -9.64 -1.92 -25.65
C ILE A 62 -11.09 -1.61 -26.05
N ARG A 63 -11.60 -2.35 -27.03
CA ARG A 63 -12.96 -2.12 -27.50
C ARG A 63 -13.95 -2.29 -26.36
N LYS A 64 -14.92 -1.37 -26.30
CA LYS A 64 -15.78 -1.26 -25.13
C LYS A 64 -16.66 -2.50 -24.95
N LEU A 65 -17.35 -2.91 -26.02
CA LEU A 65 -18.26 -4.05 -25.91
C LEU A 65 -17.56 -5.35 -25.57
N PRO A 66 -16.45 -5.74 -26.22
CA PRO A 66 -15.77 -6.96 -25.79
C PRO A 66 -15.31 -6.93 -24.34
N PHE A 67 -14.84 -5.77 -23.86
CA PHE A 67 -14.43 -5.70 -22.46
C PHE A 67 -15.64 -5.79 -21.52
N GLN A 68 -16.78 -5.22 -21.93
CA GLN A 68 -18.00 -5.36 -21.13
C GLN A 68 -18.40 -6.83 -21.04
N ARG A 69 -18.35 -7.55 -22.16
CA ARG A 69 -18.68 -8.97 -22.13
C ARG A 69 -17.69 -9.75 -21.28
N LEU A 70 -16.41 -9.37 -21.34
CA LEU A 70 -15.38 -10.04 -20.55
C LEU A 70 -15.63 -9.85 -19.05
N VAL A 71 -15.88 -8.61 -18.63
CA VAL A 71 -16.11 -8.37 -17.21
C VAL A 71 -17.38 -9.04 -16.75
N ARG A 72 -18.40 -9.09 -17.60
CA ARG A 72 -19.63 -9.80 -17.26
C ARG A 72 -19.37 -11.29 -17.06
N GLU A 73 -18.61 -11.91 -17.97
CA GLU A 73 -18.36 -13.33 -17.84
C GLU A 73 -17.46 -13.65 -16.66
N ILE A 74 -16.55 -12.74 -16.30
CA ILE A 74 -15.70 -12.97 -15.13
C ILE A 74 -16.51 -12.85 -13.85
N ALA A 75 -17.38 -11.83 -13.78
CA ALA A 75 -18.17 -11.62 -12.57
C ALA A 75 -19.31 -12.62 -12.42
N GLN A 76 -19.74 -13.25 -13.51
CA GLN A 76 -20.88 -14.16 -13.40
C GLN A 76 -20.55 -15.45 -12.66
N ASP A 77 -19.28 -15.78 -12.44
CA ASP A 77 -18.92 -16.96 -11.68
C ASP A 77 -18.68 -16.67 -10.21
N PHE A 78 -18.72 -15.41 -9.78
CA PHE A 78 -18.70 -15.06 -8.38
C PHE A 78 -20.12 -14.89 -7.83
N LYS A 79 -20.88 -13.97 -8.41
CA LYS A 79 -22.29 -13.78 -8.11
C LYS A 79 -23.08 -13.87 -9.40
N THR A 80 -24.22 -14.53 -9.34
CA THR A 80 -25.00 -14.89 -10.52
C THR A 80 -26.14 -13.89 -10.69
N ASP A 81 -26.41 -13.50 -11.95
CA ASP A 81 -27.38 -12.45 -12.28
C ASP A 81 -27.03 -11.12 -11.61
N LEU A 82 -25.89 -10.57 -12.01
CA LEU A 82 -25.44 -9.26 -11.56
C LEU A 82 -25.76 -8.20 -12.61
N ARG A 83 -25.63 -6.94 -12.19
CA ARG A 83 -25.79 -5.81 -13.09
C ARG A 83 -24.61 -4.86 -12.87
N PHE A 84 -24.15 -4.25 -13.96
CA PHE A 84 -22.98 -3.39 -13.92
C PHE A 84 -23.37 -1.97 -14.33
N GLN A 85 -23.04 -1.01 -13.47
CA GLN A 85 -23.17 0.38 -13.86
C GLN A 85 -22.20 0.68 -14.99
N SER A 86 -22.63 1.51 -15.94
CA SER A 86 -21.79 1.84 -17.07
C SER A 86 -20.50 2.50 -16.62
N SER A 87 -20.59 3.40 -15.63
CA SER A 87 -19.40 4.01 -15.07
C SER A 87 -18.51 2.99 -14.37
N ALA A 88 -19.10 1.93 -13.81
CA ALA A 88 -18.30 0.90 -13.17
C ALA A 88 -17.48 0.12 -14.18
N VAL A 89 -18.10 -0.30 -15.28
CA VAL A 89 -17.38 -0.99 -16.34
C VAL A 89 -16.31 -0.08 -16.94
N MET A 90 -16.64 1.20 -17.11
CA MET A 90 -15.66 2.14 -17.65
C MET A 90 -14.48 2.31 -16.69
N ALA A 91 -14.75 2.37 -15.39
CA ALA A 91 -13.65 2.47 -14.42
C ALA A 91 -12.78 1.22 -14.45
N LEU A 92 -13.41 0.05 -14.56
CA LEU A 92 -12.63 -1.18 -14.66
C LEU A 92 -11.75 -1.17 -15.90
N GLN A 93 -12.30 -0.71 -17.03
CA GLN A 93 -11.51 -0.64 -18.25
C GLN A 93 -10.36 0.34 -18.12
N GLU A 94 -10.60 1.52 -17.55
CA GLU A 94 -9.56 2.52 -17.40
C GLU A 94 -8.51 2.12 -16.39
N ALA A 95 -8.84 1.22 -15.46
CA ALA A 95 -7.82 0.72 -14.53
C ALA A 95 -7.01 -0.40 -15.17
N CYS A 96 -7.67 -1.34 -15.83
CA CYS A 96 -6.95 -2.44 -16.47
C CYS A 96 -6.06 -1.94 -17.60
N GLU A 97 -6.51 -0.95 -18.35
CA GLU A 97 -5.70 -0.38 -19.42
C GLU A 97 -4.42 0.23 -18.87
N ALA A 98 -4.54 1.02 -17.80
CA ALA A 98 -3.37 1.63 -17.19
C ALA A 98 -2.43 0.58 -16.61
N TYR A 99 -2.99 -0.45 -15.97
CA TYR A 99 -2.14 -1.50 -15.41
C TYR A 99 -1.40 -2.25 -16.51
N LEU A 100 -2.07 -2.57 -17.61
CA LEU A 100 -1.42 -3.27 -18.70
C LEU A 100 -0.36 -2.40 -19.36
N VAL A 101 -0.62 -1.10 -19.49
CA VAL A 101 0.38 -0.19 -20.05
C VAL A 101 1.62 -0.15 -19.16
N GLY A 102 1.42 -0.06 -17.84
CA GLY A 102 2.56 -0.09 -16.94
C GLY A 102 3.34 -1.39 -17.01
N LEU A 103 2.62 -2.51 -17.05
CA LEU A 103 3.29 -3.80 -17.15
C LEU A 103 4.07 -3.92 -18.46
N PHE A 104 3.53 -3.35 -19.54
CA PHE A 104 4.22 -3.41 -20.82
C PHE A 104 5.45 -2.50 -20.86
N GLU A 105 5.39 -1.35 -20.20
CA GLU A 105 6.60 -0.52 -20.13
C GLU A 105 7.67 -1.21 -19.28
N ASP A 106 7.26 -1.89 -18.20
CA ASP A 106 8.23 -2.64 -17.40
C ASP A 106 8.81 -3.82 -18.18
N THR A 107 7.97 -4.51 -18.98
CA THR A 107 8.48 -5.63 -19.75
C THR A 107 9.36 -5.15 -20.91
N ASN A 108 9.12 -3.94 -21.43
CA ASN A 108 10.06 -3.37 -22.39
C ASN A 108 11.38 -3.03 -21.73
N LEU A 109 11.33 -2.55 -20.48
CA LEU A 109 12.55 -2.36 -19.71
C LEU A 109 13.33 -3.68 -19.60
N CYS A 110 12.62 -4.76 -19.26
CA CYS A 110 13.26 -6.06 -19.15
C CYS A 110 13.86 -6.52 -20.48
N ALA A 111 13.11 -6.34 -21.57
CA ALA A 111 13.59 -6.77 -22.88
C ALA A 111 14.83 -5.98 -23.30
N ILE A 112 14.83 -4.67 -23.08
CA ILE A 112 15.99 -3.86 -23.42
C ILE A 112 17.18 -4.26 -22.57
N HIS A 113 16.94 -4.58 -21.29
CA HIS A 113 18.04 -4.98 -20.41
C HIS A 113 18.70 -6.28 -20.86
N ALA A 114 17.96 -7.13 -21.56
CA ALA A 114 18.49 -8.39 -22.07
C ALA A 114 19.06 -8.27 -23.48
N LYS A 115 19.37 -7.04 -23.91
CA LYS A 115 19.90 -6.77 -25.25
C LYS A 115 18.93 -7.26 -26.33
N ARG A 116 17.65 -7.02 -26.12
CA ARG A 116 16.61 -7.34 -27.08
C ARG A 116 15.65 -6.17 -27.20
N VAL A 117 14.99 -6.07 -28.35
CA VAL A 117 13.91 -5.12 -28.54
C VAL A 117 12.55 -5.81 -28.58
N THR A 118 12.49 -7.12 -28.83
CA THR A 118 11.24 -7.85 -28.88
C THR A 118 10.92 -8.39 -27.50
N ILE A 119 9.73 -8.03 -27.00
CA ILE A 119 9.30 -8.55 -25.70
C ILE A 119 8.75 -9.96 -25.88
N MET A 120 9.11 -10.84 -24.96
CA MET A 120 8.73 -12.25 -24.97
C MET A 120 8.11 -12.59 -23.62
N PRO A 121 7.41 -13.73 -23.53
CA PRO A 121 6.74 -14.06 -22.25
C PRO A 121 7.67 -14.12 -21.06
N LYS A 122 8.95 -14.45 -21.25
CA LYS A 122 9.88 -14.45 -20.15
C LYS A 122 10.04 -13.05 -19.56
N ASP A 123 10.02 -12.02 -20.41
CA ASP A 123 10.12 -10.65 -19.91
C ASP A 123 8.93 -10.29 -19.04
N ILE A 124 7.71 -10.63 -19.49
CA ILE A 124 6.52 -10.34 -18.71
C ILE A 124 6.54 -11.11 -17.40
N GLN A 125 6.93 -12.38 -17.44
CA GLN A 125 6.99 -13.17 -16.22
C GLN A 125 8.00 -12.59 -15.22
N LEU A 126 9.17 -12.18 -15.71
CA LEU A 126 10.16 -11.58 -14.81
C LEU A 126 9.68 -10.26 -14.24
N ALA A 127 9.05 -9.43 -15.07
CA ALA A 127 8.54 -8.16 -14.58
C ALA A 127 7.49 -8.37 -13.49
N ARG A 128 6.58 -9.32 -13.70
CA ARG A 128 5.55 -9.58 -12.70
C ARG A 128 6.13 -10.25 -11.46
N ARG A 129 7.21 -11.02 -11.60
CA ARG A 129 7.83 -11.63 -10.43
C ARG A 129 8.56 -10.58 -9.59
N ILE A 130 9.28 -9.67 -10.24
CA ILE A 130 9.99 -8.63 -9.50
C ILE A 130 9.02 -7.65 -8.86
N ARG A 131 7.95 -7.32 -9.58
CA ARG A 131 6.95 -6.41 -9.03
C ARG A 131 6.30 -6.96 -7.76
N GLY A 132 6.37 -8.27 -7.55
CA GLY A 132 5.80 -8.90 -6.38
C GLY A 132 4.38 -9.37 -6.54
N GLU A 133 3.72 -9.06 -7.66
CA GLU A 133 2.36 -9.54 -7.88
C GLU A 133 2.33 -11.06 -8.03
N ARG A 134 3.17 -11.60 -8.91
CA ARG A 134 3.25 -13.04 -9.17
C ARG A 134 1.88 -13.69 -9.35
N LEU B 22 -21.57 -16.74 -20.65
CA LEU B 22 -21.36 -16.09 -21.93
C LEU B 22 -20.21 -16.75 -22.69
N ARG B 23 -20.01 -18.04 -22.43
CA ARG B 23 -18.97 -18.85 -23.06
C ARG B 23 -17.62 -18.20 -22.77
N ASP B 24 -16.81 -17.88 -23.76
CA ASP B 24 -15.54 -17.22 -23.55
C ASP B 24 -15.55 -15.82 -24.16
N ASN B 25 -14.86 -14.90 -23.50
CA ASN B 25 -14.73 -13.53 -23.99
C ASN B 25 -13.35 -12.95 -23.80
N ILE B 26 -12.38 -13.72 -23.29
CA ILE B 26 -11.00 -13.25 -23.22
C ILE B 26 -10.43 -13.04 -24.61
N GLN B 27 -11.01 -13.69 -25.63
CA GLN B 27 -10.68 -13.39 -27.01
C GLN B 27 -11.22 -12.04 -27.45
N GLY B 28 -12.06 -11.41 -26.64
CA GLY B 28 -12.51 -10.06 -26.93
C GLY B 28 -11.40 -9.03 -26.85
N ILE B 29 -10.32 -9.34 -26.14
CA ILE B 29 -9.12 -8.50 -26.17
C ILE B 29 -8.32 -8.91 -27.39
N THR B 30 -8.65 -8.33 -28.54
CA THR B 30 -8.09 -8.76 -29.81
C THR B 30 -6.58 -8.54 -29.84
N LYS B 31 -5.93 -9.21 -30.79
CA LYS B 31 -4.49 -9.04 -30.95
C LYS B 31 -4.11 -7.60 -31.27
N PRO B 32 -4.78 -6.90 -32.19
CA PRO B 32 -4.45 -5.47 -32.37
C PRO B 32 -4.67 -4.63 -31.13
N ALA B 33 -5.64 -4.98 -30.28
CA ALA B 33 -5.83 -4.23 -29.04
C ALA B 33 -4.62 -4.37 -28.12
N ILE B 34 -4.13 -5.59 -27.95
CA ILE B 34 -2.92 -5.80 -27.15
C ILE B 34 -1.73 -5.11 -27.80
N ARG B 35 -1.65 -5.15 -29.13
CA ARG B 35 -0.54 -4.50 -29.82
C ARG B 35 -0.54 -3.00 -29.58
N ARG B 36 -1.71 -2.37 -29.68
CA ARG B 36 -1.80 -0.93 -29.44
C ARG B 36 -1.52 -0.60 -27.98
N LEU B 37 -1.99 -1.43 -27.06
CA LEU B 37 -1.71 -1.23 -25.64
C LEU B 37 -0.22 -1.24 -25.37
N ALA B 38 0.47 -2.28 -25.86
CA ALA B 38 1.92 -2.38 -25.65
C ALA B 38 2.66 -1.27 -26.38
N ARG B 39 2.18 -0.89 -27.57
CA ARG B 39 2.84 0.18 -28.32
C ARG B 39 2.76 1.50 -27.57
N ARG B 40 1.61 1.79 -26.97
CA ARG B 40 1.54 2.94 -26.07
C ARG B 40 2.45 2.76 -24.88
N GLY B 41 2.59 1.52 -24.40
CA GLY B 41 3.49 1.27 -23.28
C GLY B 41 4.93 1.67 -23.57
N GLY B 42 5.38 1.44 -24.80
CA GLY B 42 6.72 1.84 -25.19
C GLY B 42 7.43 0.86 -26.09
N VAL B 43 6.91 -0.38 -26.17
CA VAL B 43 7.57 -1.41 -26.96
C VAL B 43 7.49 -1.07 -28.44
N LYS B 44 8.37 -1.68 -29.23
CA LYS B 44 8.38 -1.50 -30.67
C LYS B 44 8.36 -2.80 -31.45
N ARG B 45 8.64 -3.94 -30.82
CA ARG B 45 8.45 -5.25 -31.44
C ARG B 45 7.84 -6.18 -30.41
N ILE B 46 6.84 -6.94 -30.82
CA ILE B 46 6.07 -7.80 -29.92
C ILE B 46 6.12 -9.23 -30.46
N SER B 47 6.55 -10.16 -29.63
CA SER B 47 6.61 -11.56 -30.04
C SER B 47 5.21 -12.17 -30.07
N GLY B 48 5.06 -13.22 -30.89
CA GLY B 48 3.75 -13.80 -31.10
C GLY B 48 3.14 -14.40 -29.85
N LEU B 49 3.97 -14.89 -28.94
CA LEU B 49 3.48 -15.54 -27.72
C LEU B 49 3.13 -14.55 -26.62
N ILE B 50 3.32 -13.24 -26.85
CA ILE B 50 2.98 -12.25 -25.85
C ILE B 50 1.48 -12.17 -25.63
N TYR B 51 0.69 -12.43 -26.68
CA TYR B 51 -0.75 -12.18 -26.61
C TYR B 51 -1.43 -13.10 -25.59
N GLU B 52 -1.13 -14.39 -25.63
CA GLU B 52 -1.75 -15.32 -24.68
C GLU B 52 -1.32 -15.01 -23.25
N GLU B 53 -0.04 -14.71 -23.05
CA GLU B 53 0.45 -14.41 -21.71
C GLU B 53 -0.21 -13.16 -21.15
N THR B 54 -0.35 -12.11 -21.97
CA THR B 54 -0.96 -10.88 -21.47
C THR B 54 -2.46 -11.03 -21.30
N ARG B 55 -3.11 -11.87 -22.11
CA ARG B 55 -4.52 -12.16 -21.87
C ARG B 55 -4.71 -12.88 -20.54
N GLY B 56 -3.84 -13.84 -20.23
CA GLY B 56 -3.90 -14.49 -18.93
C GLY B 56 -3.65 -13.53 -17.79
N VAL B 57 -2.67 -12.63 -17.96
CA VAL B 57 -2.37 -11.65 -16.92
C VAL B 57 -3.58 -10.73 -16.69
N LEU B 58 -4.18 -10.26 -17.78
CA LEU B 58 -5.34 -9.38 -17.66
C LEU B 58 -6.52 -10.09 -17.02
N LYS B 59 -6.74 -11.37 -17.37
CA LYS B 59 -7.82 -12.12 -16.75
C LYS B 59 -7.57 -12.30 -15.25
N VAL B 60 -6.33 -12.57 -14.86
CA VAL B 60 -6.02 -12.72 -13.44
C VAL B 60 -6.28 -11.42 -12.69
N PHE B 61 -5.80 -10.30 -13.24
CA PHE B 61 -6.01 -9.02 -12.58
C PHE B 61 -7.49 -8.66 -12.51
N LEU B 62 -8.23 -8.92 -13.59
CA LEU B 62 -9.66 -8.63 -13.59
C LEU B 62 -10.40 -9.49 -12.56
N GLU B 63 -10.05 -10.76 -12.44
CA GLU B 63 -10.66 -11.60 -11.42
C GLU B 63 -10.35 -11.06 -10.03
N ASN B 64 -9.10 -10.66 -9.78
CA ASN B 64 -8.74 -10.13 -8.48
C ASN B 64 -9.52 -8.88 -8.13
N VAL B 65 -9.66 -7.96 -9.09
CA VAL B 65 -10.37 -6.70 -8.81
C VAL B 65 -11.87 -6.96 -8.67
N ILE B 66 -12.44 -7.81 -9.54
CA ILE B 66 -13.88 -8.02 -9.56
C ILE B 66 -14.32 -8.79 -8.33
N ARG B 67 -13.49 -9.68 -7.79
CA ARG B 67 -13.87 -10.38 -6.56
C ARG B 67 -14.08 -9.38 -5.43
N ASP B 68 -13.18 -8.41 -5.28
CA ASP B 68 -13.34 -7.39 -4.24
C ASP B 68 -14.52 -6.47 -4.56
N ALA B 69 -14.66 -6.05 -5.82
CA ALA B 69 -15.75 -5.17 -6.19
C ALA B 69 -17.10 -5.85 -6.08
N VAL B 70 -17.14 -7.17 -6.06
CA VAL B 70 -18.38 -7.91 -5.88
C VAL B 70 -18.65 -8.22 -4.41
N THR B 71 -17.60 -8.47 -3.63
CA THR B 71 -17.78 -8.60 -2.18
C THR B 71 -18.27 -7.29 -1.57
N TYR B 72 -17.80 -6.16 -2.10
CA TYR B 72 -18.32 -4.87 -1.63
C TYR B 72 -19.82 -4.75 -1.88
N THR B 73 -20.27 -5.12 -3.08
CA THR B 73 -21.69 -5.06 -3.40
C THR B 73 -22.48 -6.04 -2.54
N GLU B 74 -21.97 -7.27 -2.36
CA GLU B 74 -22.62 -8.23 -1.50
C GLU B 74 -22.77 -7.69 -0.09
N HIS B 75 -21.75 -6.98 0.40
CA HIS B 75 -21.85 -6.32 1.69
C HIS B 75 -22.96 -5.27 1.69
N ALA B 76 -23.01 -4.44 0.65
CA ALA B 76 -24.03 -3.40 0.60
C ALA B 76 -25.43 -3.96 0.32
N LYS B 77 -25.58 -5.27 0.25
CA LYS B 77 -26.87 -5.92 0.00
C LYS B 77 -27.50 -5.37 -1.27
N ARG B 78 -26.67 -5.13 -2.28
CA ARG B 78 -27.08 -4.58 -3.56
C ARG B 78 -27.08 -5.68 -4.61
N LYS B 79 -27.37 -5.27 -5.84
CA LYS B 79 -27.29 -6.18 -6.99
C LYS B 79 -26.63 -5.52 -8.19
N THR B 80 -26.25 -4.25 -8.10
CA THR B 80 -25.61 -3.53 -9.21
C THR B 80 -24.23 -3.08 -8.74
N VAL B 81 -23.19 -3.53 -9.46
CA VAL B 81 -21.83 -3.12 -9.12
C VAL B 81 -21.65 -1.66 -9.51
N THR B 82 -21.32 -0.83 -8.53
CA THR B 82 -21.23 0.61 -8.72
C THR B 82 -19.77 1.01 -8.94
N ALA B 83 -19.59 2.19 -9.55
CA ALA B 83 -18.25 2.71 -9.75
C ALA B 83 -17.53 2.91 -8.43
N MET B 84 -18.26 3.24 -7.36
CA MET B 84 -17.65 3.36 -6.05
C MET B 84 -17.11 2.02 -5.57
N ASP B 85 -17.84 0.94 -5.81
CA ASP B 85 -17.36 -0.38 -5.45
C ASP B 85 -16.06 -0.72 -6.18
N VAL B 86 -16.02 -0.44 -7.48
CA VAL B 86 -14.82 -0.75 -8.27
C VAL B 86 -13.64 0.10 -7.80
N VAL B 87 -13.86 1.39 -7.54
CA VAL B 87 -12.75 2.23 -7.12
C VAL B 87 -12.27 1.84 -5.72
N TYR B 88 -13.18 1.43 -4.83
CA TYR B 88 -12.75 0.93 -3.52
C TYR B 88 -11.94 -0.35 -3.66
N ALA B 89 -12.38 -1.26 -4.54
CA ALA B 89 -11.64 -2.49 -4.76
C ALA B 89 -10.25 -2.20 -5.31
N LEU B 90 -10.14 -1.25 -6.24
CA LEU B 90 -8.85 -0.87 -6.79
C LEU B 90 -7.97 -0.22 -5.74
N LYS B 91 -8.56 0.60 -4.86
CA LYS B 91 -7.78 1.21 -3.79
C LYS B 91 -7.26 0.16 -2.82
N ARG B 92 -8.06 -0.89 -2.56
CA ARG B 92 -7.63 -1.94 -1.65
C ARG B 92 -6.39 -2.67 -2.17
N GLN B 93 -6.19 -2.70 -3.49
CA GLN B 93 -5.05 -3.35 -4.09
C GLN B 93 -3.87 -2.42 -4.30
N GLY B 94 -3.96 -1.16 -3.84
CA GLY B 94 -2.88 -0.22 -4.01
C GLY B 94 -2.83 0.47 -5.35
N ARG B 95 -3.84 0.30 -6.19
CA ARG B 95 -3.92 0.94 -7.50
C ARG B 95 -5.10 1.90 -7.46
N THR B 96 -4.86 3.11 -6.98
CA THR B 96 -5.93 4.09 -6.81
C THR B 96 -6.40 4.63 -8.15
N LEU B 97 -7.69 4.91 -8.24
CA LEU B 97 -8.31 5.50 -9.41
C LEU B 97 -9.02 6.78 -8.97
N TYR B 98 -8.87 7.85 -9.76
CA TYR B 98 -9.31 9.17 -9.33
C TYR B 98 -10.50 9.73 -10.11
N GLY B 99 -10.59 9.45 -11.40
CA GLY B 99 -11.58 10.12 -12.22
C GLY B 99 -13.02 9.69 -12.01
N PHE B 100 -13.28 8.71 -11.14
CA PHE B 100 -14.61 8.17 -10.96
C PHE B 100 -15.06 8.26 -9.51
N GLY B 101 -14.84 9.41 -8.88
CA GLY B 101 -15.33 9.63 -7.53
C GLY B 101 -14.49 8.93 -6.47
N GLY B 102 -14.90 9.14 -5.23
CA GLY B 102 -14.21 8.55 -4.10
C GLY B 102 -14.24 9.42 -2.86
N THR C 16 -18.38 -17.03 31.04
CA THR C 16 -17.73 -16.33 29.95
C THR C 16 -18.36 -16.69 28.61
N ARG C 17 -18.21 -15.82 27.62
CA ARG C 17 -18.71 -16.13 26.29
C ARG C 17 -17.83 -17.13 25.56
N SER C 18 -16.56 -17.27 25.97
CA SER C 18 -15.73 -18.35 25.43
C SER C 18 -16.23 -19.71 25.87
N SER C 19 -16.94 -19.79 27.00
CA SER C 19 -17.54 -21.05 27.43
C SER C 19 -18.67 -21.47 26.50
N ARG C 20 -19.59 -20.54 26.21
CA ARG C 20 -20.70 -20.87 25.33
C ARG C 20 -20.23 -21.09 23.89
N ALA C 21 -19.29 -20.27 23.42
CA ALA C 21 -18.68 -20.54 22.13
C ALA C 21 -17.72 -21.72 22.25
N GLY C 22 -17.30 -22.24 21.10
CA GLY C 22 -16.32 -23.30 21.09
C GLY C 22 -14.92 -22.75 20.86
N LEU C 23 -14.61 -21.64 21.52
CA LEU C 23 -13.44 -20.84 21.22
C LEU C 23 -12.42 -20.96 22.35
N GLN C 24 -11.22 -21.44 22.02
CA GLN C 24 -10.10 -21.30 22.94
C GLN C 24 -9.58 -19.88 22.95
N PHE C 25 -9.52 -19.25 21.78
CA PHE C 25 -9.19 -17.84 21.69
C PHE C 25 -10.27 -17.03 22.40
N PRO C 26 -9.92 -15.94 23.08
CA PRO C 26 -10.90 -15.25 23.93
C PRO C 26 -11.81 -14.36 23.10
N VAL C 27 -13.12 -14.59 23.24
CA VAL C 27 -14.11 -13.64 22.72
C VAL C 27 -13.93 -12.28 23.41
N GLY C 28 -13.72 -12.29 24.72
CA GLY C 28 -13.27 -11.10 25.40
C GLY C 28 -11.83 -10.78 25.08
N ARG C 29 -11.41 -9.59 25.49
CA ARG C 29 -10.06 -9.09 25.22
C ARG C 29 -9.85 -8.85 23.73
N VAL C 30 -10.87 -9.17 22.93
CA VAL C 30 -10.93 -8.76 21.53
C VAL C 30 -12.00 -7.69 21.34
N HIS C 31 -13.13 -7.83 22.03
CA HIS C 31 -14.11 -6.74 22.08
C HIS C 31 -13.50 -5.50 22.71
N ARG C 32 -12.74 -5.68 23.79
CA ARG C 32 -12.06 -4.55 24.43
C ARG C 32 -11.03 -3.93 23.49
N LEU C 33 -10.29 -4.77 22.76
CA LEU C 33 -9.30 -4.25 21.82
C LEU C 33 -9.97 -3.48 20.69
N LEU C 34 -11.10 -3.99 20.19
CA LEU C 34 -11.84 -3.28 19.16
C LEU C 34 -12.34 -1.94 19.66
N ARG C 35 -12.90 -1.90 20.88
CA ARG C 35 -13.42 -0.67 21.42
C ARG C 35 -12.31 0.35 21.66
N LYS C 36 -11.15 -0.10 22.17
CA LYS C 36 -10.05 0.82 22.42
C LYS C 36 -9.33 1.24 21.13
N GLY C 37 -9.47 0.46 20.05
CA GLY C 37 -8.81 0.82 18.81
C GLY C 37 -9.54 1.85 17.99
N ASN C 38 -10.82 2.10 18.29
CA ASN C 38 -11.65 3.07 17.58
C ASN C 38 -11.67 2.78 16.08
N TYR C 39 -12.18 1.60 15.74
CA TYR C 39 -12.38 1.22 14.36
C TYR C 39 -13.74 1.63 13.83
N SER C 40 -14.67 1.97 14.71
CA SER C 40 -15.98 2.51 14.37
C SER C 40 -16.62 3.02 15.64
N GLU C 41 -17.75 3.70 15.48
CA GLU C 41 -18.43 4.30 16.64
C GLU C 41 -18.90 3.23 17.61
N ARG C 42 -19.44 2.13 17.10
CA ARG C 42 -19.89 1.03 17.94
C ARG C 42 -19.53 -0.30 17.28
N VAL C 43 -19.46 -1.33 18.11
CA VAL C 43 -19.13 -2.69 17.66
C VAL C 43 -20.27 -3.62 18.07
N GLY C 44 -20.76 -4.40 17.11
CA GLY C 44 -21.86 -5.30 17.37
C GLY C 44 -21.47 -6.44 18.29
N ALA C 45 -22.49 -7.21 18.69
CA ALA C 45 -22.25 -8.31 19.61
C ALA C 45 -21.50 -9.46 18.95
N GLY C 46 -21.93 -9.83 17.73
CA GLY C 46 -21.30 -10.94 17.05
C GLY C 46 -19.96 -10.64 16.41
N ALA C 47 -19.60 -9.37 16.29
CA ALA C 47 -18.31 -9.03 15.69
C ALA C 47 -17.12 -9.55 16.47
N PRO C 48 -16.99 -9.30 17.79
CA PRO C 48 -15.86 -9.91 18.52
C PRO C 48 -16.20 -11.31 19.00
N VAL C 49 -16.91 -12.05 18.16
CA VAL C 49 -17.03 -13.50 18.25
C VAL C 49 -16.63 -14.15 16.94
N TYR C 50 -17.15 -13.62 15.84
CA TYR C 50 -16.65 -14.00 14.52
C TYR C 50 -15.17 -13.68 14.38
N LEU C 51 -14.75 -12.50 14.83
CA LEU C 51 -13.35 -12.13 14.73
C LEU C 51 -12.48 -13.04 15.60
N ALA C 52 -12.94 -13.36 16.80
CA ALA C 52 -12.18 -14.25 17.66
C ALA C 52 -12.06 -15.65 17.06
N ALA C 53 -13.15 -16.17 16.47
CA ALA C 53 -13.08 -17.47 15.81
C ALA C 53 -12.14 -17.46 14.62
N VAL C 54 -12.18 -16.39 13.82
CA VAL C 54 -11.28 -16.27 12.68
C VAL C 54 -9.84 -16.25 13.14
N LEU C 55 -9.56 -15.48 14.21
CA LEU C 55 -8.20 -15.44 14.75
C LEU C 55 -7.77 -16.78 15.30
N GLU C 56 -8.70 -17.50 15.95
CA GLU C 56 -8.36 -18.82 16.48
C GLU C 56 -8.00 -19.78 15.36
N TYR C 57 -8.73 -19.74 14.25
CA TYR C 57 -8.37 -20.57 13.10
C TYR C 57 -7.02 -20.15 12.51
N LEU C 58 -6.83 -18.84 12.35
CA LEU C 58 -5.59 -18.31 11.78
C LEU C 58 -4.39 -18.52 12.68
N THR C 59 -4.60 -18.87 13.94
CA THR C 59 -3.52 -19.28 14.84
C THR C 59 -3.33 -20.79 14.88
N ALA C 60 -4.43 -21.55 14.93
CA ALA C 60 -4.33 -23.01 14.89
C ALA C 60 -3.58 -23.46 13.64
N GLU C 61 -3.97 -22.95 12.48
CA GLU C 61 -3.07 -22.95 11.35
C GLU C 61 -2.06 -21.84 11.57
N ILE C 62 -0.81 -22.10 11.18
CA ILE C 62 0.42 -21.37 11.56
C ILE C 62 1.05 -22.11 12.74
N LEU C 63 0.29 -22.36 13.81
CA LEU C 63 0.84 -23.15 14.90
C LEU C 63 1.08 -24.59 14.47
N GLU C 64 0.12 -25.19 13.75
CA GLU C 64 0.33 -26.55 13.25
C GLU C 64 1.51 -26.60 12.28
N LEU C 65 1.62 -25.60 11.40
CA LEU C 65 2.71 -25.57 10.44
C LEU C 65 4.06 -25.40 11.12
N ALA C 66 4.14 -24.52 12.13
CA ALA C 66 5.37 -24.34 12.88
C ALA C 66 5.74 -25.60 13.65
N GLY C 67 4.74 -26.28 14.23
CA GLY C 67 5.02 -27.55 14.88
C GLY C 67 5.54 -28.59 13.91
N ASN C 68 4.97 -28.64 12.71
CA ASN C 68 5.46 -29.55 11.68
C ASN C 68 6.90 -29.23 11.31
N ALA C 69 7.21 -27.94 11.15
CA ALA C 69 8.58 -27.54 10.83
C ALA C 69 9.55 -27.90 11.95
N ALA C 70 9.14 -27.69 13.20
CA ALA C 70 10.00 -28.03 14.33
C ALA C 70 10.24 -29.53 14.41
N ARG C 71 9.20 -30.33 14.16
CA ARG C 71 9.37 -31.77 14.12
C ARG C 71 10.29 -32.18 12.98
N ASP C 72 10.19 -31.50 11.85
CA ASP C 72 11.07 -31.77 10.72
C ASP C 72 12.53 -31.48 11.08
N ASN C 73 12.77 -30.38 11.79
CA ASN C 73 14.11 -30.02 12.24
C ASN C 73 14.49 -30.69 13.56
N LYS C 74 13.58 -31.47 14.15
CA LYS C 74 13.83 -32.19 15.39
C LYS C 74 14.25 -31.24 16.51
N LYS C 75 13.61 -30.08 16.57
CA LYS C 75 13.93 -29.07 17.57
C LYS C 75 12.83 -28.90 18.63
N THR C 76 11.63 -29.45 18.39
CA THR C 76 10.51 -29.40 19.33
C THR C 76 10.07 -27.97 19.59
N ARG C 77 10.91 -27.18 20.27
CA ARG C 77 10.53 -25.81 20.62
C ARG C 77 10.34 -24.97 19.37
N ILE C 78 9.37 -24.07 19.42
CA ILE C 78 9.02 -23.22 18.29
C ILE C 78 9.87 -21.95 18.35
N ILE C 79 10.65 -21.70 17.31
CA ILE C 79 11.54 -20.56 17.19
C ILE C 79 11.01 -19.69 16.04
N PRO C 80 11.16 -18.37 16.08
CA PRO C 80 10.66 -17.53 14.98
C PRO C 80 11.07 -17.99 13.58
N ARG C 81 12.19 -18.71 13.45
CA ARG C 81 12.53 -19.29 12.16
C ARG C 81 11.45 -20.26 11.70
N HIS C 82 10.90 -21.04 12.63
CA HIS C 82 9.81 -21.95 12.29
C HIS C 82 8.58 -21.18 11.85
N LEU C 83 8.27 -20.07 12.51
CA LEU C 83 7.13 -19.26 12.10
C LEU C 83 7.33 -18.70 10.69
N GLN C 84 8.54 -18.21 10.40
CA GLN C 84 8.80 -17.71 9.04
C GLN C 84 8.69 -18.82 8.00
N LEU C 85 9.20 -20.01 8.32
CA LEU C 85 9.05 -21.14 7.41
C LEU C 85 7.58 -21.47 7.18
N ALA C 86 6.79 -21.47 8.25
CA ALA C 86 5.36 -21.76 8.13
C ALA C 86 4.65 -20.72 7.28
N ILE C 87 5.00 -19.44 7.45
CA ILE C 87 4.34 -18.38 6.69
C ILE C 87 4.75 -18.44 5.22
N ARG C 88 6.02 -18.70 4.95
CA ARG C 88 6.54 -18.64 3.58
C ARG C 88 6.40 -19.96 2.82
N ASN C 89 5.99 -21.04 3.47
CA ASN C 89 5.91 -22.34 2.82
C ASN C 89 4.52 -22.70 2.34
N ASP C 90 3.56 -21.77 2.42
CA ASP C 90 2.21 -22.00 1.93
C ASP C 90 1.75 -20.78 1.13
N GLU C 91 1.16 -21.05 -0.04
CA GLU C 91 0.87 -19.97 -0.99
C GLU C 91 -0.11 -18.96 -0.42
N GLU C 92 -1.19 -19.44 0.22
CA GLU C 92 -2.19 -18.52 0.76
C GLU C 92 -1.60 -17.68 1.90
N LEU C 93 -0.90 -18.31 2.83
CA LEU C 93 -0.27 -17.56 3.90
C LEU C 93 0.83 -16.65 3.37
N ASN C 94 1.53 -17.07 2.32
CA ASN C 94 2.53 -16.21 1.69
C ASN C 94 1.87 -14.96 1.12
N LYS C 95 0.73 -15.11 0.45
CA LYS C 95 0.03 -13.95 -0.10
C LYS C 95 -0.48 -13.06 1.02
N LEU C 96 -1.00 -13.65 2.11
CA LEU C 96 -1.50 -12.85 3.21
C LEU C 96 -0.39 -12.06 3.89
N LEU C 97 0.76 -12.69 4.12
CA LEU C 97 1.90 -12.06 4.79
C LEU C 97 3.10 -12.19 3.85
N GLY C 98 3.24 -11.23 2.94
CA GLY C 98 4.33 -11.23 1.99
C GLY C 98 5.36 -10.15 2.27
N ARG C 99 4.91 -9.04 2.85
CA ARG C 99 5.79 -7.93 3.23
C ARG C 99 6.18 -7.98 4.69
N VAL C 100 6.30 -9.18 5.25
CA VAL C 100 6.55 -9.39 6.67
C VAL C 100 7.95 -9.99 6.83
N THR C 101 8.75 -9.40 7.72
CA THR C 101 10.04 -9.95 8.09
C THR C 101 10.00 -10.30 9.57
N ILE C 102 10.31 -11.56 9.88
CA ILE C 102 10.25 -12.05 11.26
C ILE C 102 11.62 -11.86 11.90
N ALA C 103 11.63 -11.32 13.12
CA ALA C 103 12.88 -11.08 13.83
C ALA C 103 13.61 -12.40 14.08
N GLN C 104 14.92 -12.40 13.79
CA GLN C 104 15.77 -13.57 13.98
C GLN C 104 15.22 -14.79 13.24
N GLY C 105 14.77 -14.58 12.01
CA GLY C 105 14.23 -15.66 11.21
C GLY C 105 14.97 -15.86 9.90
N SER D 57 0.03 -9.80 25.96
CA SER D 57 -1.28 -10.14 25.41
C SER D 57 -1.23 -11.48 24.69
N PHE D 58 -2.32 -12.25 24.83
CA PHE D 58 -2.43 -13.57 24.20
C PHE D 58 -1.25 -14.47 24.55
N ALA D 59 -0.88 -14.48 25.83
CA ALA D 59 0.26 -15.28 26.26
C ALA D 59 -0.10 -16.76 26.35
N THR D 60 -1.05 -17.11 27.23
CA THR D 60 -1.47 -18.50 27.38
C THR D 60 -2.47 -18.93 26.31
N TYR D 61 -3.03 -17.99 25.56
CA TYR D 61 -4.01 -18.29 24.54
C TYR D 61 -3.39 -18.96 23.31
N PHE D 62 -2.07 -18.91 23.17
CA PHE D 62 -1.37 -19.69 22.16
C PHE D 62 -0.93 -21.04 22.70
N ARG D 63 -0.55 -21.10 23.98
CA ARG D 63 -0.21 -22.38 24.58
C ARG D 63 -1.42 -23.30 24.65
N ARG D 64 -2.60 -22.73 24.88
CA ARG D 64 -3.82 -23.53 24.88
C ARG D 64 -4.07 -24.16 23.51
N VAL D 65 -3.87 -23.39 22.44
CA VAL D 65 -4.03 -23.94 21.09
C VAL D 65 -2.96 -25.00 20.82
N LEU D 66 -1.71 -24.73 21.22
CA LEU D 66 -0.64 -25.69 21.03
C LEU D 66 -0.85 -26.96 21.85
N LYS D 67 -1.68 -26.91 22.90
CA LYS D 67 -1.92 -28.11 23.69
C LYS D 67 -2.76 -29.13 22.91
N GLN D 68 -3.69 -28.66 22.09
CA GLN D 68 -4.56 -29.55 21.34
C GLN D 68 -4.04 -29.86 19.94
N VAL D 69 -3.12 -29.05 19.42
CA VAL D 69 -2.52 -29.28 18.11
C VAL D 69 -1.02 -29.46 18.33
N HIS D 70 -0.48 -30.59 17.86
CA HIS D 70 0.92 -30.94 18.03
C HIS D 70 1.31 -30.96 19.51
N GLN D 71 0.71 -31.92 20.22
CA GLN D 71 0.96 -32.08 21.64
C GLN D 71 2.42 -32.43 21.89
N GLY D 72 2.92 -32.02 23.06
CA GLY D 72 4.30 -32.27 23.42
C GLY D 72 5.30 -31.22 22.99
N LEU D 73 4.85 -30.12 22.40
CA LEU D 73 5.67 -28.99 22.01
C LEU D 73 5.47 -27.82 22.97
N SER D 74 6.22 -26.74 22.72
CA SER D 74 6.11 -25.54 23.52
C SER D 74 6.47 -24.34 22.67
N LEU D 75 6.02 -23.17 23.11
CA LEU D 75 6.26 -21.91 22.43
C LEU D 75 7.32 -21.12 23.18
N SER D 76 8.36 -20.71 22.47
CA SER D 76 9.43 -19.93 23.08
C SER D 76 9.00 -18.49 23.27
N ARG D 77 9.79 -17.74 24.04
CA ARG D 77 9.47 -16.35 24.31
C ARG D 77 9.47 -15.51 23.03
N GLU D 78 10.46 -15.72 22.18
CA GLU D 78 10.50 -14.99 20.91
C GLU D 78 9.33 -15.37 20.02
N ALA D 79 8.97 -16.66 19.98
CA ALA D 79 7.83 -17.08 19.19
C ALA D 79 6.54 -16.47 19.70
N VAL D 80 6.38 -16.40 21.02
CA VAL D 80 5.18 -15.78 21.59
C VAL D 80 5.13 -14.30 21.26
N SER D 81 6.28 -13.61 21.40
CA SER D 81 6.34 -12.19 21.11
C SER D 81 6.19 -11.89 19.63
N VAL D 82 6.42 -12.87 18.76
CA VAL D 82 6.13 -12.69 17.34
C VAL D 82 4.65 -12.96 17.06
N MET D 83 4.09 -14.00 17.68
CA MET D 83 2.72 -14.39 17.35
C MET D 83 1.70 -13.43 17.92
N ASP D 84 1.93 -12.88 19.11
CA ASP D 84 0.97 -11.91 19.63
C ASP D 84 0.96 -10.65 18.77
N SER D 85 2.14 -10.23 18.30
CA SER D 85 2.20 -9.10 17.37
C SER D 85 1.50 -9.43 16.05
N LEU D 86 1.69 -10.66 15.55
CA LEU D 86 1.02 -11.06 14.32
C LEU D 86 -0.50 -11.06 14.49
N VAL D 87 -0.99 -11.58 15.61
CA VAL D 87 -2.42 -11.60 15.88
C VAL D 87 -2.96 -10.19 15.99
N HIS D 88 -2.22 -9.30 16.67
CA HIS D 88 -2.64 -7.90 16.77
C HIS D 88 -2.69 -7.25 15.39
N ASP D 89 -1.70 -7.52 14.54
CA ASP D 89 -1.70 -6.94 13.20
C ASP D 89 -2.87 -7.45 12.37
N ILE D 90 -3.14 -8.76 12.42
CA ILE D 90 -4.25 -9.31 11.64
C ILE D 90 -5.58 -8.76 12.15
N LEU D 91 -5.74 -8.68 13.48
CA LEU D 91 -6.95 -8.12 14.06
C LEU D 91 -7.13 -6.67 13.64
N ASP D 92 -6.05 -5.89 13.67
CA ASP D 92 -6.13 -4.50 13.25
C ASP D 92 -6.51 -4.39 11.78
N ARG D 93 -5.94 -5.25 10.93
CA ARG D 93 -6.26 -5.21 9.51
C ARG D 93 -7.73 -5.52 9.27
N ILE D 94 -8.23 -6.59 9.88
CA ILE D 94 -9.63 -6.98 9.70
C ILE D 94 -10.55 -5.88 10.25
N ALA D 95 -10.19 -5.31 11.41
CA ALA D 95 -11.03 -4.29 12.01
C ALA D 95 -11.06 -3.02 11.16
N THR D 96 -9.91 -2.61 10.61
CA THR D 96 -9.89 -1.44 9.74
C THR D 96 -10.70 -1.66 8.48
N GLU D 97 -10.61 -2.87 7.90
CA GLU D 97 -11.42 -3.17 6.73
C GLU D 97 -12.90 -3.15 7.07
N ALA D 98 -13.28 -3.70 8.22
CA ALA D 98 -14.69 -3.69 8.63
C ALA D 98 -15.17 -2.26 8.84
N GLY D 99 -14.35 -1.43 9.48
CA GLY D 99 -14.74 -0.04 9.67
C GLY D 99 -14.90 0.71 8.37
N ARG D 100 -13.97 0.51 7.43
CA ARG D 100 -14.08 1.15 6.13
C ARG D 100 -15.33 0.70 5.39
N LEU D 101 -15.65 -0.60 5.46
CA LEU D 101 -16.84 -1.10 4.81
C LEU D 101 -18.10 -0.51 5.42
N ALA D 102 -18.16 -0.47 6.75
CA ALA D 102 -19.33 0.09 7.43
C ALA D 102 -19.50 1.56 7.08
N ARG D 103 -18.40 2.31 7.03
CA ARG D 103 -18.47 3.71 6.66
C ARG D 103 -18.92 3.87 5.20
N SER D 104 -18.45 2.98 4.32
CA SER D 104 -18.86 3.03 2.93
C SER D 104 -20.37 2.82 2.79
N THR D 105 -20.92 1.86 3.54
CA THR D 105 -22.36 1.63 3.54
C THR D 105 -23.11 2.73 4.28
N LYS D 106 -22.38 3.63 4.96
CA LYS D 106 -22.95 4.72 5.77
C LYS D 106 -23.58 4.16 7.05
N ARG D 107 -22.97 3.12 7.61
CA ARG D 107 -23.34 2.58 8.90
C ARG D 107 -22.17 2.78 9.88
N GLN D 108 -22.49 3.11 11.13
CA GLN D 108 -21.46 3.40 12.12
C GLN D 108 -21.27 2.26 13.11
N THR D 109 -21.47 1.02 12.67
CA THR D 109 -21.32 -0.13 13.55
C THR D 109 -20.58 -1.24 12.83
N ILE D 110 -19.95 -2.12 13.62
CA ILE D 110 -19.27 -3.30 13.11
C ILE D 110 -19.99 -4.52 13.67
N THR D 111 -20.65 -5.26 12.81
CA THR D 111 -21.40 -6.44 13.20
C THR D 111 -20.81 -7.67 12.49
N ALA D 112 -21.50 -8.79 12.61
CA ALA D 112 -21.00 -10.04 12.01
C ALA D 112 -20.88 -9.91 10.50
N TRP D 113 -21.81 -9.18 9.87
CA TRP D 113 -21.77 -8.99 8.43
C TRP D 113 -20.50 -8.25 8.00
N GLU D 114 -20.15 -7.18 8.73
CA GLU D 114 -18.99 -6.39 8.37
C GLU D 114 -17.71 -7.21 8.46
N THR D 115 -17.56 -7.98 9.55
CA THR D 115 -16.36 -8.80 9.70
C THR D 115 -16.34 -9.96 8.72
N ARG D 116 -17.50 -10.53 8.40
CA ARG D 116 -17.58 -11.56 7.37
C ARG D 116 -17.03 -11.03 6.05
N MET D 117 -17.51 -9.87 5.63
CA MET D 117 -17.04 -9.31 4.36
C MET D 117 -15.58 -8.88 4.45
N ALA D 118 -15.13 -8.42 5.61
CA ALA D 118 -13.73 -8.03 5.76
C ALA D 118 -12.80 -9.22 5.61
N VAL D 119 -13.12 -10.36 6.24
CA VAL D 119 -12.29 -11.54 6.09
C VAL D 119 -12.46 -12.16 4.71
N ARG D 120 -13.59 -11.93 4.04
CA ARG D 120 -13.70 -12.37 2.65
C ARG D 120 -12.81 -11.53 1.74
N LEU D 121 -12.68 -10.24 2.03
CA LEU D 121 -11.80 -9.39 1.26
C LEU D 121 -10.33 -9.72 1.51
N LEU D 122 -9.97 -9.96 2.77
CA LEU D 122 -8.57 -10.21 3.11
C LEU D 122 -8.13 -11.61 2.69
N LEU D 123 -8.78 -12.64 3.22
CA LEU D 123 -8.41 -14.01 2.91
C LEU D 123 -9.19 -14.46 1.69
N PRO D 124 -8.53 -14.76 0.56
CA PRO D 124 -9.26 -15.19 -0.64
C PRO D 124 -9.89 -16.57 -0.50
N GLY D 125 -10.47 -17.06 -1.60
CA GLY D 125 -11.40 -18.17 -1.52
C GLY D 125 -10.83 -19.45 -0.95
N GLN D 126 -9.56 -19.74 -1.21
CA GLN D 126 -8.99 -21.03 -0.81
C GLN D 126 -8.98 -21.21 0.70
N MET D 127 -8.80 -20.12 1.45
CA MET D 127 -8.82 -20.16 2.91
C MET D 127 -9.94 -19.33 3.52
N GLY D 128 -10.30 -18.20 2.91
CA GLY D 128 -11.36 -17.36 3.45
C GLY D 128 -12.68 -18.10 3.63
N LYS D 129 -12.94 -19.09 2.77
CA LYS D 129 -14.15 -19.90 2.95
C LYS D 129 -14.09 -20.71 4.25
N LEU D 130 -12.92 -21.24 4.58
CA LEU D 130 -12.78 -22.02 5.81
C LEU D 130 -12.93 -21.12 7.04
N ALA D 131 -12.31 -19.95 7.02
CA ALA D 131 -12.45 -19.01 8.13
C ALA D 131 -13.90 -18.53 8.26
N GLU D 132 -14.57 -18.30 7.12
CA GLU D 132 -15.97 -17.92 7.16
C GLU D 132 -16.83 -19.02 7.77
N SER D 133 -16.56 -20.27 7.40
CA SER D 133 -17.29 -21.39 7.98
C SER D 133 -17.07 -21.47 9.49
N GLU D 134 -15.82 -21.31 9.92
CA GLU D 134 -15.52 -21.36 11.36
C GLU D 134 -16.23 -20.25 12.11
N GLY D 135 -16.19 -19.02 11.57
CA GLY D 135 -16.87 -17.91 12.23
C GLY D 135 -18.37 -18.08 12.27
N THR D 136 -18.95 -18.61 11.20
CA THR D 136 -20.39 -18.87 11.19
C THR D 136 -20.75 -19.94 12.22
N LYS D 137 -19.93 -20.98 12.33
CA LYS D 137 -20.17 -21.99 13.36
C LYS D 137 -20.13 -21.37 14.74
N ALA D 138 -19.14 -20.53 15.01
CA ALA D 138 -19.04 -19.89 16.33
C ALA D 138 -20.25 -19.00 16.61
N VAL D 139 -20.65 -18.19 15.62
CA VAL D 139 -21.78 -17.29 15.82
C VAL D 139 -23.06 -18.06 16.07
N LEU D 140 -23.30 -19.11 15.29
CA LEU D 140 -24.52 -19.89 15.46
C LEU D 140 -24.50 -20.66 16.77
N ARG D 141 -23.33 -21.13 17.22
CA ARG D 141 -23.25 -21.77 18.53
C ARG D 141 -23.57 -20.80 19.65
N THR D 142 -23.03 -19.58 19.58
CA THR D 142 -23.37 -18.57 20.59
C THR D 142 -24.85 -18.25 20.58
N SER D 143 -25.43 -18.14 19.38
CA SER D 143 -26.86 -17.83 19.27
C SER D 143 -27.72 -18.97 19.84
N LEU D 144 -27.35 -20.22 19.56
CA LEU D 144 -28.13 -21.33 20.10
C LEU D 144 -28.00 -21.40 21.61
N TYR D 145 -26.82 -21.09 22.16
CA TYR D 145 -26.69 -21.03 23.61
C TYR D 145 -27.55 -19.93 24.21
N ALA D 146 -27.59 -18.76 23.55
CA ALA D 146 -28.39 -17.65 24.05
C ALA D 146 -29.89 -17.87 23.88
N ILE D 147 -30.30 -18.74 22.95
CA ILE D 147 -31.72 -18.96 22.71
C ILE D 147 -32.39 -19.54 23.94
N GLN D 148 -31.77 -20.56 24.55
CA GLN D 148 -32.37 -21.23 25.70
C GLN D 148 -32.08 -20.53 27.02
N GLN D 149 -31.15 -19.57 27.04
CA GLN D 149 -30.77 -18.85 28.25
C GLN D 149 -30.31 -19.81 29.35
N THR E 58 20.57 -17.25 9.21
CA THR E 58 19.62 -16.71 10.18
C THR E 58 20.31 -15.72 11.11
N GLU E 59 21.59 -15.94 11.37
CA GLU E 59 22.35 -15.04 12.22
C GLU E 59 22.55 -13.70 11.52
N LEU E 60 22.91 -12.69 12.31
CA LEU E 60 23.07 -11.34 11.79
C LEU E 60 24.37 -11.24 10.98
N LEU E 61 24.26 -10.69 9.77
CA LEU E 61 25.38 -10.63 8.84
C LEU E 61 26.15 -9.32 8.97
N ILE E 62 25.45 -8.19 8.98
CA ILE E 62 26.11 -6.90 9.19
C ILE E 62 26.64 -6.84 10.61
N ARG E 63 27.89 -6.42 10.77
CA ARG E 63 28.48 -6.31 12.09
C ARG E 63 27.72 -5.26 12.90
N LYS E 64 27.57 -5.53 14.20
CA LYS E 64 26.71 -4.71 15.04
C LYS E 64 27.26 -3.30 15.21
N LEU E 65 28.53 -3.18 15.60
CA LEU E 65 29.08 -1.86 15.90
C LEU E 65 29.18 -0.96 14.67
N PRO E 66 29.69 -1.42 13.52
CA PRO E 66 29.69 -0.54 12.34
C PRO E 66 28.30 -0.06 11.95
N PHE E 67 27.29 -0.93 12.02
CA PHE E 67 25.94 -0.51 11.70
C PHE E 67 25.41 0.49 12.71
N GLN E 68 25.73 0.29 13.99
CA GLN E 68 25.31 1.24 15.01
C GLN E 68 25.93 2.62 14.77
N ARG E 69 27.23 2.64 14.44
CA ARG E 69 27.88 3.91 14.14
C ARG E 69 27.28 4.57 12.90
N LEU E 70 26.97 3.77 11.87
CA LEU E 70 26.37 4.28 10.66
C LEU E 70 25.01 4.93 10.95
N VAL E 71 24.16 4.22 11.69
CA VAL E 71 22.82 4.72 11.97
C VAL E 71 22.89 5.95 12.85
N ARG E 72 23.86 5.98 13.79
CA ARG E 72 24.05 7.17 14.60
C ARG E 72 24.48 8.37 13.75
N GLU E 73 25.37 8.13 12.78
CA GLU E 73 25.81 9.20 11.90
C GLU E 73 24.64 9.78 11.11
N ILE E 74 23.80 8.89 10.54
CA ILE E 74 22.66 9.37 9.76
C ILE E 74 21.68 10.13 10.65
N ALA E 75 21.43 9.61 11.86
CA ALA E 75 20.50 10.29 12.76
C ALA E 75 21.01 11.66 13.15
N GLN E 76 22.29 11.76 13.54
CA GLN E 76 22.86 13.06 13.89
C GLN E 76 22.91 13.99 12.68
N ASP E 77 22.93 13.45 11.47
CA ASP E 77 22.68 14.28 10.30
C ASP E 77 21.26 14.82 10.31
N PHE E 78 20.30 13.99 10.74
CA PHE E 78 18.90 14.44 10.74
C PHE E 78 18.60 15.34 11.93
N LYS E 79 18.72 14.82 13.15
CA LYS E 79 18.46 15.58 14.36
C LYS E 79 19.62 15.41 15.31
N THR E 80 20.19 16.52 15.77
CA THR E 80 21.40 16.47 16.58
C THR E 80 21.09 16.02 17.99
N ASP E 81 22.12 15.49 18.65
CA ASP E 81 22.07 15.04 20.04
C ASP E 81 20.93 14.04 20.25
N LEU E 82 21.04 12.92 19.56
CA LEU E 82 20.03 11.86 19.59
C LEU E 82 20.57 10.63 20.30
N ARG E 83 19.65 9.83 20.83
CA ARG E 83 19.98 8.60 21.54
C ARG E 83 19.23 7.45 20.90
N PHE E 84 19.86 6.28 20.88
CA PHE E 84 19.27 5.08 20.30
C PHE E 84 19.30 3.97 21.32
N GLN E 85 18.13 3.44 21.67
CA GLN E 85 18.08 2.25 22.52
C GLN E 85 18.31 1.02 21.67
N SER E 86 18.99 0.02 22.26
CA SER E 86 19.52 -1.09 21.50
C SER E 86 18.46 -1.82 20.69
N SER E 87 17.21 -1.84 21.17
CA SER E 87 16.15 -2.50 20.42
C SER E 87 15.91 -1.82 19.09
N ALA E 88 15.96 -0.48 19.05
CA ALA E 88 15.76 0.23 17.80
C ALA E 88 16.87 -0.07 16.79
N VAL E 89 18.13 -0.09 17.25
CA VAL E 89 19.24 -0.41 16.36
C VAL E 89 19.10 -1.83 15.84
N MET E 90 18.75 -2.77 16.71
CA MET E 90 18.57 -4.15 16.28
C MET E 90 17.44 -4.28 15.26
N ALA E 91 16.32 -3.59 15.49
CA ALA E 91 15.21 -3.63 14.54
C ALA E 91 15.63 -3.07 13.19
N LEU E 92 16.33 -1.95 13.19
CA LEU E 92 16.83 -1.37 11.94
C LEU E 92 17.76 -2.34 11.22
N GLN E 93 18.66 -2.98 11.97
CA GLN E 93 19.58 -3.93 11.35
C GLN E 93 18.84 -5.10 10.72
N GLU E 94 17.85 -5.65 11.43
CA GLU E 94 17.07 -6.76 10.87
C GLU E 94 16.33 -6.34 9.61
N ALA E 95 15.71 -5.14 9.64
CA ALA E 95 15.00 -4.67 8.47
C ALA E 95 15.92 -4.49 7.29
N CYS E 96 17.10 -3.92 7.51
CA CYS E 96 18.05 -3.71 6.42
C CYS E 96 18.56 -5.02 5.86
N GLU E 97 18.82 -6.01 6.74
CA GLU E 97 19.24 -7.32 6.25
C GLU E 97 18.17 -7.94 5.38
N ALA E 98 16.91 -7.90 5.82
CA ALA E 98 15.83 -8.47 5.03
C ALA E 98 15.67 -7.75 3.71
N TYR E 99 15.73 -6.41 3.72
CA TYR E 99 15.58 -5.65 2.49
C TYR E 99 16.71 -5.96 1.51
N LEU E 100 17.94 -6.05 2.00
CA LEU E 100 19.07 -6.31 1.10
C LEU E 100 19.04 -7.72 0.54
N VAL E 101 18.64 -8.71 1.35
CA VAL E 101 18.56 -10.07 0.80
C VAL E 101 17.43 -10.16 -0.23
N GLY E 102 16.31 -9.46 -0.01
CA GLY E 102 15.27 -9.42 -1.03
C GLY E 102 15.74 -8.75 -2.31
N LEU E 103 16.46 -7.63 -2.17
CA LEU E 103 16.99 -6.95 -3.35
C LEU E 103 17.96 -7.84 -4.11
N PHE E 104 18.80 -8.58 -3.39
CA PHE E 104 19.75 -9.46 -4.08
C PHE E 104 19.06 -10.66 -4.71
N GLU E 105 17.95 -11.13 -4.12
CA GLU E 105 17.13 -12.12 -4.80
C GLU E 105 16.63 -11.59 -6.14
N ASP E 106 16.07 -10.37 -6.13
CA ASP E 106 15.54 -9.80 -7.37
C ASP E 106 16.65 -9.56 -8.39
N THR E 107 17.81 -9.08 -7.95
CA THR E 107 18.91 -8.84 -8.88
C THR E 107 19.49 -10.15 -9.42
N ASN E 108 19.49 -11.23 -8.63
CA ASN E 108 19.88 -12.51 -9.17
C ASN E 108 18.89 -12.98 -10.23
N LEU E 109 17.59 -12.75 -10.00
CA LEU E 109 16.62 -13.06 -11.03
C LEU E 109 16.90 -12.27 -12.31
N CYS E 110 17.20 -10.98 -12.17
CA CYS E 110 17.53 -10.16 -13.34
C CYS E 110 18.77 -10.66 -14.05
N ALA E 111 19.81 -11.03 -13.30
CA ALA E 111 21.04 -11.52 -13.90
C ALA E 111 20.80 -12.82 -14.65
N ILE E 112 20.04 -13.73 -14.06
CA ILE E 112 19.72 -14.99 -14.73
C ILE E 112 18.91 -14.72 -15.98
N HIS E 113 18.04 -13.71 -15.95
CA HIS E 113 17.23 -13.39 -17.12
C HIS E 113 18.09 -12.95 -18.29
N ALA E 114 19.19 -12.24 -18.03
CA ALA E 114 20.05 -11.71 -19.08
C ALA E 114 21.16 -12.66 -19.48
N LYS E 115 20.99 -13.96 -19.25
CA LYS E 115 22.00 -14.97 -19.57
C LYS E 115 23.33 -14.68 -18.90
N ARG E 116 23.27 -14.27 -17.62
CA ARG E 116 24.44 -13.97 -16.82
C ARG E 116 24.30 -14.64 -15.46
N VAL E 117 25.44 -14.90 -14.82
CA VAL E 117 25.43 -15.42 -13.46
C VAL E 117 25.94 -14.41 -12.45
N THR E 118 26.82 -13.49 -12.85
CA THR E 118 27.18 -12.36 -12.01
C THR E 118 26.05 -11.34 -12.02
N ILE E 119 25.99 -10.53 -10.98
CA ILE E 119 25.11 -9.37 -10.94
C ILE E 119 25.96 -8.12 -11.12
N MET E 120 25.50 -7.22 -11.97
CA MET E 120 26.18 -5.98 -12.29
C MET E 120 25.31 -4.81 -11.85
N PRO E 121 25.87 -3.59 -11.73
CA PRO E 121 25.07 -2.46 -11.24
C PRO E 121 23.82 -2.20 -12.07
N LYS E 122 23.85 -2.50 -13.37
CA LYS E 122 22.64 -2.36 -14.17
C LYS E 122 21.54 -3.28 -13.67
N ASP E 123 21.89 -4.47 -13.19
CA ASP E 123 20.88 -5.38 -12.65
C ASP E 123 20.22 -4.81 -11.40
N ILE E 124 21.02 -4.25 -10.49
CA ILE E 124 20.45 -3.63 -9.29
C ILE E 124 19.57 -2.45 -9.67
N GLN E 125 20.03 -1.62 -10.61
CA GLN E 125 19.24 -0.48 -11.03
C GLN E 125 17.92 -0.90 -11.64
N LEU E 126 17.94 -1.94 -12.48
CA LEU E 126 16.71 -2.43 -13.09
C LEU E 126 15.76 -3.00 -12.04
N ALA E 127 16.30 -3.77 -11.10
CA ALA E 127 15.45 -4.33 -10.05
C ALA E 127 14.78 -3.22 -9.24
N ARG E 128 15.55 -2.20 -8.85
CA ARG E 128 14.97 -1.08 -8.11
C ARG E 128 13.93 -0.35 -8.94
N ARG E 129 14.21 -0.11 -10.22
CA ARG E 129 13.29 0.66 -11.05
C ARG E 129 11.98 -0.09 -11.27
N ILE E 130 12.06 -1.41 -11.46
CA ILE E 130 10.84 -2.21 -11.61
C ILE E 130 10.08 -2.27 -10.29
N ARG E 131 10.79 -2.44 -9.17
CA ARG E 131 10.12 -2.48 -7.88
C ARG E 131 9.39 -1.16 -7.59
N GLY E 132 9.83 -0.06 -8.20
CA GLY E 132 9.17 1.21 -8.03
C GLY E 132 10.05 2.25 -7.37
N GLU E 133 10.81 1.83 -6.37
CA GLU E 133 11.67 2.76 -5.63
C GLU E 133 12.82 3.23 -6.52
N ARG E 134 13.13 4.52 -6.45
CA ARG E 134 14.28 5.08 -7.15
C ARG E 134 14.93 6.18 -6.32
N LEU F 22 30.85 11.87 13.17
CA LEU F 22 31.13 10.66 12.39
C LEU F 22 31.35 10.99 10.92
N ARG F 23 32.50 10.56 10.38
CA ARG F 23 32.88 10.83 9.00
C ARG F 23 33.18 9.51 8.30
N ASP F 24 32.59 9.33 7.12
CA ASP F 24 32.85 8.16 6.27
C ASP F 24 32.54 6.86 7.01
N ASN F 25 31.35 6.79 7.61
CA ASN F 25 30.92 5.59 8.30
C ASN F 25 30.12 4.65 7.41
N ILE F 26 29.85 5.02 6.16
CA ILE F 26 29.25 4.09 5.21
C ILE F 26 30.19 2.93 4.92
N GLN F 27 31.49 3.11 5.17
CA GLN F 27 32.45 2.02 5.01
C GLN F 27 32.28 0.94 6.07
N GLY F 28 31.47 1.18 7.09
CA GLY F 28 31.19 0.15 8.08
C GLY F 28 30.44 -1.04 7.51
N ILE F 29 29.73 -0.86 6.40
CA ILE F 29 29.10 -1.98 5.69
C ILE F 29 30.19 -2.50 4.74
N THR F 30 31.05 -3.34 5.28
CA THR F 30 32.27 -3.71 4.59
C THR F 30 31.97 -4.70 3.45
N LYS F 31 32.96 -4.88 2.59
CA LYS F 31 32.77 -5.71 1.39
C LYS F 31 32.39 -7.15 1.70
N PRO F 32 33.07 -7.86 2.62
CA PRO F 32 32.61 -9.23 2.94
C PRO F 32 31.20 -9.28 3.49
N ALA F 33 30.74 -8.25 4.21
CA ALA F 33 29.36 -8.25 4.68
C ALA F 33 28.37 -8.17 3.52
N ILE F 34 28.65 -7.32 2.53
CA ILE F 34 27.80 -7.25 1.35
C ILE F 34 27.84 -8.58 0.60
N ARG F 35 29.03 -9.18 0.50
CA ARG F 35 29.15 -10.46 -0.19
C ARG F 35 28.35 -11.55 0.52
N ARG F 36 28.39 -11.59 1.85
CA ARG F 36 27.63 -12.59 2.59
C ARG F 36 26.13 -12.34 2.44
N LEU F 37 25.71 -11.08 2.45
CA LEU F 37 24.30 -10.78 2.19
C LEU F 37 23.88 -11.27 0.82
N ALA F 38 24.75 -11.08 -0.18
CA ALA F 38 24.45 -11.57 -1.53
C ALA F 38 24.36 -13.10 -1.55
N ARG F 39 25.28 -13.78 -0.87
CA ARG F 39 25.24 -15.24 -0.82
C ARG F 39 23.94 -15.73 -0.18
N ARG F 40 23.51 -15.07 0.89
CA ARG F 40 22.22 -15.39 1.49
C ARG F 40 21.09 -15.09 0.51
N GLY F 41 21.26 -14.09 -0.35
CA GLY F 41 20.23 -13.78 -1.32
C GLY F 41 20.09 -14.81 -2.42
N GLY F 42 21.13 -15.61 -2.67
CA GLY F 42 21.06 -16.69 -3.64
C GLY F 42 21.95 -16.52 -4.85
N VAL F 43 22.70 -15.43 -4.96
CA VAL F 43 23.57 -15.19 -6.10
C VAL F 43 24.77 -16.12 -6.02
N LYS F 44 25.50 -16.25 -7.13
CA LYS F 44 26.69 -17.10 -7.19
C LYS F 44 27.96 -16.32 -7.47
N ARG F 45 27.89 -15.22 -8.20
CA ARG F 45 29.05 -14.39 -8.49
C ARG F 45 28.68 -12.93 -8.27
N ILE F 46 29.69 -12.13 -7.96
CA ILE F 46 29.51 -10.72 -7.61
C ILE F 46 30.48 -9.90 -8.45
N SER F 47 29.98 -8.83 -9.07
CA SER F 47 30.83 -7.91 -9.80
C SER F 47 31.39 -6.85 -8.86
N GLY F 48 32.57 -6.34 -9.21
CA GLY F 48 33.28 -5.44 -8.31
C GLY F 48 32.54 -4.15 -8.01
N LEU F 49 31.75 -3.66 -8.97
CA LEU F 49 31.04 -2.40 -8.78
C LEU F 49 29.71 -2.57 -8.06
N ILE F 50 29.38 -3.79 -7.62
CA ILE F 50 28.15 -4.01 -6.87
C ILE F 50 28.23 -3.35 -5.49
N TYR F 51 29.42 -3.29 -4.90
CA TYR F 51 29.55 -2.87 -3.51
C TYR F 51 29.19 -1.40 -3.32
N GLU F 52 29.70 -0.52 -4.20
CA GLU F 52 29.35 0.89 -4.10
C GLU F 52 27.86 1.12 -4.33
N GLU F 53 27.29 0.41 -5.31
CA GLU F 53 25.86 0.56 -5.59
C GLU F 53 25.01 0.11 -4.41
N THR F 54 25.37 -1.02 -3.80
CA THR F 54 24.56 -1.51 -2.68
C THR F 54 24.77 -0.66 -1.43
N ARG F 55 25.96 -0.07 -1.26
CA ARG F 55 26.14 0.88 -0.17
C ARG F 55 25.27 2.11 -0.37
N GLY F 56 25.18 2.60 -1.60
CA GLY F 56 24.26 3.71 -1.87
C GLY F 56 22.81 3.35 -1.63
N VAL F 57 22.41 2.15 -2.05
CA VAL F 57 21.04 1.69 -1.82
C VAL F 57 20.75 1.62 -0.33
N LEU F 58 21.68 1.05 0.44
CA LEU F 58 21.50 0.93 1.88
C LEU F 58 21.44 2.29 2.53
N LYS F 59 22.28 3.23 2.07
CA LYS F 59 22.24 4.58 2.62
C LYS F 59 20.89 5.25 2.37
N VAL F 60 20.34 5.06 1.16
CA VAL F 60 19.04 5.64 0.85
C VAL F 60 17.96 5.04 1.76
N PHE F 61 17.98 3.72 1.92
CA PHE F 61 16.97 3.07 2.75
C PHE F 61 17.09 3.50 4.20
N LEU F 62 18.32 3.58 4.72
CA LEU F 62 18.52 4.07 6.08
C LEU F 62 18.04 5.51 6.23
N GLU F 63 18.32 6.36 5.24
CA GLU F 63 17.89 7.74 5.34
C GLU F 63 16.37 7.83 5.42
N ASN F 64 15.66 7.07 4.59
CA ASN F 64 14.20 7.10 4.63
C ASN F 64 13.68 6.61 5.97
N VAL F 65 14.11 5.43 6.40
CA VAL F 65 13.59 4.85 7.63
C VAL F 65 13.95 5.70 8.84
N ILE F 66 15.18 6.22 8.88
CA ILE F 66 15.63 7.03 10.00
C ILE F 66 14.89 8.36 10.04
N ARG F 67 14.62 8.96 8.87
CA ARG F 67 13.84 10.19 8.87
C ARG F 67 12.46 9.95 9.44
N ASP F 68 11.81 8.86 9.03
CA ASP F 68 10.49 8.55 9.59
C ASP F 68 10.58 8.30 11.09
N ALA F 69 11.59 7.56 11.53
CA ALA F 69 11.72 7.25 12.95
C ALA F 69 11.98 8.50 13.79
N VAL F 70 12.85 9.38 13.32
CA VAL F 70 13.16 10.58 14.10
C VAL F 70 11.98 11.55 14.09
N THR F 71 11.18 11.58 13.01
CA THR F 71 9.95 12.34 13.08
C THR F 71 8.99 11.74 14.11
N TYR F 72 8.94 10.41 14.20
CA TYR F 72 8.11 9.76 15.21
C TYR F 72 8.55 10.15 16.62
N THR F 73 9.86 10.12 16.88
CA THR F 73 10.34 10.51 18.21
C THR F 73 10.11 11.99 18.47
N GLU F 74 10.31 12.84 17.46
CA GLU F 74 10.10 14.27 17.63
C GLU F 74 8.66 14.57 17.97
N HIS F 75 7.71 13.85 17.36
CA HIS F 75 6.31 14.04 17.71
C HIS F 75 6.06 13.70 19.17
N ALA F 76 6.64 12.61 19.66
CA ALA F 76 6.49 12.23 21.06
C ALA F 76 7.36 13.06 21.99
N LYS F 77 8.10 14.03 21.47
CA LYS F 77 8.99 14.88 22.27
C LYS F 77 9.99 14.03 23.06
N ARG F 78 10.52 13.00 22.41
CA ARG F 78 11.46 12.07 23.02
C ARG F 78 12.82 12.19 22.35
N LYS F 79 13.87 12.16 23.16
CA LYS F 79 15.23 12.28 22.65
C LYS F 79 15.87 10.94 22.30
N THR F 80 15.23 9.82 22.64
CA THR F 80 15.77 8.49 22.34
C THR F 80 14.82 7.78 21.39
N VAL F 81 15.34 7.31 20.26
CA VAL F 81 14.57 6.53 19.31
C VAL F 81 14.38 5.12 19.88
N THR F 82 13.13 4.67 19.92
CA THR F 82 12.80 3.37 20.49
C THR F 82 12.41 2.40 19.38
N ALA F 83 12.27 1.13 19.76
CA ALA F 83 11.91 0.09 18.79
C ALA F 83 10.52 0.32 18.23
N MET F 84 9.61 0.88 19.03
CA MET F 84 8.26 1.15 18.54
C MET F 84 8.28 2.15 17.38
N ASP F 85 9.09 3.20 17.50
CA ASP F 85 9.16 4.18 16.42
C ASP F 85 9.74 3.59 15.15
N VAL F 86 10.81 2.77 15.28
CA VAL F 86 11.41 2.16 14.10
C VAL F 86 10.45 1.19 13.45
N VAL F 87 9.75 0.38 14.24
CA VAL F 87 8.79 -0.56 13.66
C VAL F 87 7.62 0.18 13.03
N TYR F 88 7.22 1.33 13.59
CA TYR F 88 6.19 2.14 12.97
C TYR F 88 6.66 2.68 11.62
N ALA F 89 7.91 3.14 11.55
CA ALA F 89 8.45 3.62 10.29
C ALA F 89 8.50 2.50 9.25
N LEU F 90 8.92 1.31 9.67
CA LEU F 90 8.94 0.17 8.75
C LEU F 90 7.55 -0.18 8.27
N LYS F 91 6.57 -0.22 9.18
CA LYS F 91 5.20 -0.54 8.78
C LYS F 91 4.65 0.50 7.82
N ARG F 92 4.98 1.77 8.06
CA ARG F 92 4.54 2.82 7.14
C ARG F 92 5.17 2.66 5.76
N GLN F 93 6.47 2.35 5.71
CA GLN F 93 7.15 2.24 4.43
C GLN F 93 6.63 1.05 3.62
N GLY F 94 6.09 0.04 4.29
CA GLY F 94 5.55 -1.12 3.60
C GLY F 94 6.14 -2.45 4.03
N ARG F 95 7.12 -2.48 4.92
CA ARG F 95 7.74 -3.72 5.38
C ARG F 95 7.47 -3.84 6.88
N THR F 96 6.33 -4.43 7.23
CA THR F 96 5.97 -4.60 8.63
C THR F 96 6.97 -5.54 9.31
N LEU F 97 7.23 -5.27 10.58
CA LEU F 97 8.24 -5.99 11.35
C LEU F 97 7.59 -6.62 12.58
N TYR F 98 7.84 -7.91 12.79
CA TYR F 98 7.30 -8.64 13.92
C TYR F 98 8.42 -9.06 14.86
N GLY F 99 8.14 -8.97 16.16
CA GLY F 99 9.10 -9.38 17.18
C GLY F 99 9.60 -8.27 18.08
N PHE F 100 9.18 -7.01 17.87
CA PHE F 100 9.65 -5.91 18.69
C PHE F 100 8.53 -5.06 19.28
N GLY F 101 7.28 -5.27 18.89
CA GLY F 101 6.17 -4.50 19.43
C GLY F 101 4.92 -4.57 18.57
N LYS G 15 -14.79 37.31 9.47
CA LYS G 15 -15.58 36.16 9.89
C LYS G 15 -15.06 34.87 9.28
N THR G 16 -15.78 33.78 9.53
CA THR G 16 -15.38 32.43 9.10
C THR G 16 -13.98 32.09 9.61
N ARG G 17 -13.40 31.02 9.08
CA ARG G 17 -12.03 30.65 9.40
C ARG G 17 -11.11 30.61 8.20
N SER G 18 -11.65 30.53 6.98
CA SER G 18 -10.81 30.68 5.80
C SER G 18 -10.27 32.10 5.68
N SER G 19 -11.11 33.09 5.96
CA SER G 19 -10.67 34.48 5.92
C SER G 19 -9.75 34.81 7.08
N ARG G 20 -9.94 34.16 8.23
CA ARG G 20 -9.09 34.43 9.39
C ARG G 20 -7.65 34.01 9.13
N ALA G 21 -7.45 32.87 8.48
CA ALA G 21 -6.13 32.36 8.16
C ALA G 21 -5.65 32.81 6.79
N GLY G 22 -6.47 33.52 6.03
CA GLY G 22 -6.11 33.89 4.67
C GLY G 22 -5.99 32.73 3.71
N LEU G 23 -6.89 31.76 3.81
CA LEU G 23 -6.86 30.57 2.98
C LEU G 23 -8.06 30.56 2.03
N GLN G 24 -7.80 30.21 0.77
CA GLN G 24 -8.91 29.99 -0.16
C GLN G 24 -9.74 28.78 0.24
N PHE G 25 -9.08 27.72 0.73
CA PHE G 25 -9.76 26.49 1.08
C PHE G 25 -10.65 26.68 2.30
N PRO G 26 -11.70 25.88 2.45
CA PRO G 26 -12.61 26.01 3.59
C PRO G 26 -12.07 25.26 4.80
N VAL G 27 -11.83 26.00 5.89
CA VAL G 27 -11.39 25.36 7.13
C VAL G 27 -12.53 24.56 7.74
N GLY G 28 -13.74 25.09 7.71
CA GLY G 28 -14.87 24.37 8.28
C GLY G 28 -15.16 23.06 7.57
N ARG G 29 -15.08 23.06 6.24
CA ARG G 29 -15.36 21.84 5.48
C ARG G 29 -14.31 20.77 5.76
N VAL G 30 -13.04 21.14 5.81
CA VAL G 30 -12.00 20.15 6.09
C VAL G 30 -12.10 19.66 7.53
N HIS G 31 -12.50 20.54 8.46
CA HIS G 31 -12.76 20.08 9.83
C HIS G 31 -13.91 19.08 9.85
N ARG G 32 -14.97 19.35 9.08
CA ARG G 32 -16.09 18.42 9.01
C ARG G 32 -15.65 17.09 8.44
N LEU G 33 -14.81 17.11 7.41
CA LEU G 33 -14.31 15.86 6.85
C LEU G 33 -13.46 15.10 7.86
N LEU G 34 -12.61 15.81 8.62
CA LEU G 34 -11.81 15.17 9.66
C LEU G 34 -12.70 14.50 10.70
N ARG G 35 -13.76 15.20 11.13
CA ARG G 35 -14.62 14.65 12.17
C ARG G 35 -15.45 13.48 11.64
N LYS G 36 -15.91 13.57 10.38
CA LYS G 36 -16.75 12.52 9.83
C LYS G 36 -15.94 11.26 9.54
N GLY G 37 -14.71 11.41 9.06
CA GLY G 37 -13.90 10.24 8.75
C GLY G 37 -13.53 9.41 9.95
N ASN G 38 -13.68 9.96 11.16
CA ASN G 38 -13.36 9.25 12.41
C ASN G 38 -11.89 8.80 12.42
N TYR G 39 -11.00 9.78 12.35
CA TYR G 39 -9.57 9.50 12.45
C TYR G 39 -9.08 9.53 13.89
N SER G 40 -9.79 10.22 14.78
CA SER G 40 -9.51 10.18 16.21
C SER G 40 -10.75 10.66 16.95
N GLU G 41 -10.79 10.37 18.25
CA GLU G 41 -11.97 10.69 19.03
C GLU G 41 -12.23 12.19 19.10
N ARG G 42 -11.16 12.97 19.26
CA ARG G 42 -11.27 14.43 19.33
C ARG G 42 -10.32 15.05 18.32
N VAL G 43 -10.73 16.20 17.77
CA VAL G 43 -9.95 16.93 16.78
C VAL G 43 -9.63 18.31 17.35
N GLY G 44 -8.36 18.67 17.32
CA GLY G 44 -7.95 19.96 17.84
C GLY G 44 -8.38 21.11 16.96
N ALA G 45 -8.19 22.32 17.49
CA ALA G 45 -8.61 23.51 16.75
C ALA G 45 -7.63 23.86 15.63
N GLY G 46 -6.33 23.64 15.85
CA GLY G 46 -5.34 23.97 14.83
C GLY G 46 -5.21 22.96 13.73
N ALA G 47 -5.68 21.73 13.93
CA ALA G 47 -5.57 20.71 12.91
C ALA G 47 -6.31 21.07 11.62
N PRO G 48 -7.57 21.50 11.63
CA PRO G 48 -8.21 21.87 10.36
C PRO G 48 -7.56 23.05 9.67
N VAL G 49 -7.09 24.05 10.42
CA VAL G 49 -6.44 25.20 9.80
C VAL G 49 -5.15 24.76 9.12
N TYR G 50 -4.33 23.97 9.82
CA TYR G 50 -3.10 23.47 9.24
C TYR G 50 -3.37 22.61 8.01
N LEU G 51 -4.39 21.75 8.09
CA LEU G 51 -4.71 20.86 6.99
C LEU G 51 -5.22 21.64 5.78
N ALA G 52 -6.05 22.65 6.00
CA ALA G 52 -6.50 23.50 4.91
C ALA G 52 -5.32 24.22 4.27
N ALA G 53 -4.37 24.69 5.09
CA ALA G 53 -3.21 25.39 4.54
C ALA G 53 -2.38 24.47 3.66
N VAL G 54 -2.07 23.26 4.15
CA VAL G 54 -1.22 22.37 3.36
C VAL G 54 -1.95 21.89 2.11
N LEU G 55 -3.26 21.61 2.22
CA LEU G 55 -4.02 21.22 1.04
C LEU G 55 -4.07 22.34 0.02
N GLU G 56 -4.23 23.59 0.47
CA GLU G 56 -4.26 24.72 -0.45
C GLU G 56 -2.93 24.89 -1.15
N TYR G 57 -1.82 24.76 -0.41
CA TYR G 57 -0.51 24.88 -1.05
C TYR G 57 -0.29 23.78 -2.08
N LEU G 58 -0.61 22.53 -1.72
CA LEU G 58 -0.40 21.42 -2.65
C LEU G 58 -1.28 21.57 -3.89
N THR G 59 -2.53 21.98 -3.71
CA THR G 59 -3.43 22.18 -4.83
C THR G 59 -2.96 23.34 -5.70
N ALA G 60 -2.45 24.41 -5.09
CA ALA G 60 -1.92 25.52 -5.88
C ALA G 60 -0.72 25.07 -6.71
N GLU G 61 0.15 24.25 -6.13
CA GLU G 61 1.28 23.72 -6.88
C GLU G 61 0.82 22.87 -8.06
N ILE G 62 -0.15 21.98 -7.82
CA ILE G 62 -0.65 21.12 -8.89
C ILE G 62 -1.30 21.96 -9.98
N LEU G 63 -2.09 22.97 -9.60
CA LEU G 63 -2.73 23.82 -10.59
C LEU G 63 -1.70 24.57 -11.41
N GLU G 64 -0.67 25.10 -10.76
CA GLU G 64 0.34 25.86 -11.47
C GLU G 64 1.06 24.98 -12.48
N LEU G 65 1.42 23.76 -12.08
CA LEU G 65 2.09 22.85 -13.00
C LEU G 65 1.18 22.46 -14.16
N ALA G 66 -0.10 22.18 -13.86
CA ALA G 66 -1.04 21.81 -14.91
C ALA G 66 -1.30 22.97 -15.86
N GLY G 67 -1.36 24.20 -15.34
CA GLY G 67 -1.52 25.35 -16.21
C GLY G 67 -0.31 25.57 -17.09
N ASN G 68 0.89 25.36 -16.55
CA ASN G 68 2.09 25.43 -17.38
C ASN G 68 2.05 24.38 -18.50
N ALA G 69 1.61 23.16 -18.16
CA ALA G 69 1.50 22.12 -19.17
C ALA G 69 0.47 22.47 -20.24
N ALA G 70 -0.66 23.03 -19.81
CA ALA G 70 -1.71 23.41 -20.77
C ALA G 70 -1.25 24.54 -21.68
N ARG G 71 -0.53 25.52 -21.13
CA ARG G 71 0.02 26.58 -21.95
C ARG G 71 1.05 26.03 -22.93
N ASP G 72 1.87 25.09 -22.48
CA ASP G 72 2.81 24.42 -23.39
C ASP G 72 2.07 23.67 -24.49
N ASN G 73 0.97 23.01 -24.14
CA ASN G 73 0.15 22.30 -25.11
C ASN G 73 -0.71 23.26 -25.94
N LYS G 74 -0.73 24.54 -25.61
CA LYS G 74 -1.55 25.55 -26.28
C LYS G 74 -3.04 25.20 -26.20
N LYS G 75 -3.51 25.08 -24.96
CA LYS G 75 -4.92 24.86 -24.67
C LYS G 75 -5.25 25.59 -23.39
N THR G 76 -6.35 26.34 -23.40
CA THR G 76 -6.74 27.15 -22.24
C THR G 76 -7.68 26.43 -21.29
N ARG G 77 -8.06 25.19 -21.59
CA ARG G 77 -8.92 24.39 -20.71
C ARG G 77 -8.12 23.23 -20.15
N ILE G 78 -8.13 23.09 -18.83
CA ILE G 78 -7.36 22.05 -18.16
C ILE G 78 -8.16 20.75 -18.16
N ILE G 79 -7.53 19.67 -18.61
CA ILE G 79 -8.17 18.36 -18.70
C ILE G 79 -7.29 17.36 -17.94
N PRO G 80 -7.85 16.19 -17.57
CA PRO G 80 -7.07 15.24 -16.77
C PRO G 80 -5.73 14.84 -17.37
N ARG G 81 -5.59 14.92 -18.70
CA ARG G 81 -4.28 14.67 -19.31
C ARG G 81 -3.24 15.66 -18.81
N HIS G 82 -3.61 16.94 -18.72
CA HIS G 82 -2.69 17.95 -18.21
C HIS G 82 -2.39 17.72 -16.73
N LEU G 83 -3.38 17.27 -15.97
CA LEU G 83 -3.14 16.92 -14.56
C LEU G 83 -2.15 15.79 -14.44
N GLN G 84 -2.28 14.75 -15.27
CA GLN G 84 -1.33 13.65 -15.25
C GLN G 84 0.06 14.11 -15.63
N LEU G 85 0.16 14.97 -16.65
CA LEU G 85 1.46 15.51 -17.04
C LEU G 85 2.09 16.29 -15.89
N ALA G 86 1.30 17.13 -15.22
CA ALA G 86 1.82 17.91 -14.10
C ALA G 86 2.25 17.01 -12.95
N ILE G 87 1.49 15.95 -12.69
CA ILE G 87 1.81 15.07 -11.56
C ILE G 87 3.08 14.27 -11.84
N ARG G 88 3.23 13.76 -13.06
CA ARG G 88 4.35 12.89 -13.39
C ARG G 88 5.54 13.62 -14.01
N ASN G 89 5.49 14.95 -14.12
CA ASN G 89 6.66 15.71 -14.56
C ASN G 89 7.49 16.26 -13.41
N ASP G 90 6.88 16.53 -12.26
CA ASP G 90 7.60 16.98 -11.08
C ASP G 90 7.95 15.78 -10.21
N GLU G 91 9.19 15.75 -9.71
CA GLU G 91 9.67 14.58 -8.98
C GLU G 91 8.93 14.39 -7.66
N GLU G 92 8.65 15.48 -6.94
CA GLU G 92 7.98 15.36 -5.65
C GLU G 92 6.55 14.85 -5.80
N LEU G 93 5.80 15.42 -6.74
CA LEU G 93 4.44 14.96 -6.98
C LEU G 93 4.43 13.52 -7.46
N ASN G 94 5.37 13.17 -8.34
CA ASN G 94 5.45 11.79 -8.83
C ASN G 94 5.73 10.82 -7.69
N LYS G 95 6.62 11.19 -6.77
CA LYS G 95 6.87 10.35 -5.61
C LYS G 95 5.62 10.22 -4.73
N LEU G 96 4.90 11.33 -4.55
CA LEU G 96 3.71 11.29 -3.70
C LEU G 96 2.56 10.55 -4.38
N LEU G 97 2.45 10.63 -5.70
CA LEU G 97 1.32 10.04 -6.41
C LEU G 97 1.77 9.07 -7.50
N GLY G 98 2.69 8.16 -7.15
CA GLY G 98 3.18 7.20 -8.13
C GLY G 98 2.32 5.98 -8.31
N ARG G 99 1.49 5.63 -7.32
CA ARG G 99 0.61 4.47 -7.38
C ARG G 99 -0.82 4.87 -7.74
N VAL G 100 -0.97 5.89 -8.59
CA VAL G 100 -2.27 6.46 -8.93
C VAL G 100 -2.40 6.50 -10.45
N THR G 101 -3.54 6.07 -10.96
CA THR G 101 -3.85 6.14 -12.38
C THR G 101 -4.95 7.17 -12.59
N ILE G 102 -4.58 8.34 -13.12
CA ILE G 102 -5.55 9.36 -13.46
C ILE G 102 -6.41 8.88 -14.62
N ALA G 103 -7.73 9.00 -14.47
CA ALA G 103 -8.63 8.59 -15.55
C ALA G 103 -8.46 9.50 -16.76
N GLN G 104 -8.45 8.89 -17.94
CA GLN G 104 -8.16 9.59 -19.20
C GLN G 104 -6.88 10.42 -19.08
N GLY G 105 -5.87 9.86 -18.42
CA GLY G 105 -4.65 10.59 -18.18
C GLY G 105 -3.54 10.27 -19.14
N GLY G 106 -3.43 9.01 -19.55
CA GLY G 106 -2.40 8.61 -20.48
C GLY G 106 -1.02 8.61 -19.81
N VAL G 107 0.00 8.56 -20.67
CA VAL G 107 1.39 8.54 -20.23
C VAL G 107 2.15 9.66 -20.95
N LEU G 108 3.17 10.17 -20.27
CA LEU G 108 4.04 11.15 -20.90
C LEU G 108 4.92 10.47 -21.95
N PRO G 109 5.15 11.11 -23.10
CA PRO G 109 5.84 10.42 -24.20
C PRO G 109 7.32 10.23 -23.94
N ASN G 110 7.74 8.97 -23.81
CA ASN G 110 9.15 8.62 -23.69
C ASN G 110 9.38 7.28 -24.37
N ILE G 111 10.60 7.08 -24.85
CA ILE G 111 10.95 5.84 -25.54
C ILE G 111 12.21 5.23 -24.92
N GLY H 55 -23.74 19.26 -1.98
CA GLY H 55 -22.70 18.25 -2.14
C GLY H 55 -21.44 18.57 -1.37
N ASP H 56 -20.51 17.61 -1.34
CA ASP H 56 -19.24 17.76 -0.65
C ASP H 56 -18.13 17.71 -1.71
N SER H 57 -17.82 18.86 -2.29
CA SER H 57 -16.81 18.95 -3.33
C SER H 57 -16.15 20.32 -3.28
N PHE H 58 -14.89 20.37 -3.69
CA PHE H 58 -14.10 21.59 -3.67
C PHE H 58 -13.99 22.23 -5.05
N ALA H 59 -15.04 22.16 -5.87
CA ALA H 59 -14.96 22.68 -7.23
C ALA H 59 -14.71 24.18 -7.23
N THR H 60 -15.50 24.93 -6.44
CA THR H 60 -15.36 26.38 -6.44
C THR H 60 -13.99 26.80 -5.92
N TYR H 61 -13.44 26.06 -4.95
CA TYR H 61 -12.13 26.39 -4.42
C TYR H 61 -11.03 26.14 -5.45
N PHE H 62 -11.15 25.06 -6.21
CA PHE H 62 -10.19 24.82 -7.29
C PHE H 62 -10.26 25.92 -8.34
N ARG H 63 -11.47 26.33 -8.71
CA ARG H 63 -11.61 27.43 -9.67
C ARG H 63 -11.01 28.72 -9.13
N ARG H 64 -11.26 29.01 -7.85
CA ARG H 64 -10.73 30.22 -7.22
C ARG H 64 -9.21 30.22 -7.19
N VAL H 65 -8.61 29.09 -6.80
CA VAL H 65 -7.16 29.02 -6.73
C VAL H 65 -6.54 29.08 -8.12
N LEU H 66 -7.21 28.49 -9.12
CA LEU H 66 -6.70 28.61 -10.49
C LEU H 66 -6.74 30.05 -10.96
N LYS H 67 -7.83 30.76 -10.69
CA LYS H 67 -7.91 32.17 -11.06
C LYS H 67 -6.85 32.98 -10.33
N GLN H 68 -6.55 32.61 -9.09
CA GLN H 68 -5.48 33.29 -8.36
C GLN H 68 -4.12 33.03 -8.99
N VAL H 69 -3.87 31.81 -9.45
CA VAL H 69 -2.55 31.44 -9.94
C VAL H 69 -2.43 31.67 -11.45
N HIS H 70 -3.42 31.23 -12.23
CA HIS H 70 -3.35 31.18 -13.68
C HIS H 70 -4.60 31.77 -14.31
N GLN H 71 -4.93 33.00 -13.91
CA GLN H 71 -6.22 33.63 -14.20
C GLN H 71 -6.69 33.47 -15.63
N GLY H 72 -5.79 33.25 -16.58
CA GLY H 72 -6.21 33.12 -17.97
C GLY H 72 -6.82 31.79 -18.34
N LEU H 73 -6.80 30.81 -17.45
CA LEU H 73 -7.21 29.44 -17.75
C LEU H 73 -8.57 29.12 -17.14
N SER H 74 -9.00 27.88 -17.31
CA SER H 74 -10.29 27.42 -16.81
C SER H 74 -10.27 25.89 -16.71
N LEU H 75 -10.87 25.36 -15.65
CA LEU H 75 -10.90 23.92 -15.46
C LEU H 75 -12.04 23.29 -16.26
N SER H 76 -12.07 21.97 -16.28
CA SER H 76 -13.13 21.19 -16.90
C SER H 76 -13.69 20.20 -15.89
N ARG H 77 -14.91 19.73 -16.15
CA ARG H 77 -15.63 18.94 -15.16
C ARG H 77 -14.88 17.66 -14.81
N GLU H 78 -14.29 17.01 -15.82
CA GLU H 78 -13.48 15.82 -15.55
C GLU H 78 -12.26 16.19 -14.69
N ALA H 79 -11.60 17.30 -15.02
CA ALA H 79 -10.47 17.76 -14.22
C ALA H 79 -10.90 18.11 -12.80
N VAL H 80 -12.06 18.76 -12.66
CA VAL H 80 -12.57 19.08 -11.33
C VAL H 80 -12.80 17.80 -10.54
N SER H 81 -13.39 16.78 -11.16
CA SER H 81 -13.67 15.54 -10.45
C SER H 81 -12.39 14.83 -10.02
N VAL H 82 -11.41 14.71 -10.93
CA VAL H 82 -10.18 14.00 -10.57
C VAL H 82 -9.43 14.76 -9.49
N MET H 83 -9.40 16.09 -9.57
CA MET H 83 -8.68 16.85 -8.57
C MET H 83 -9.40 16.88 -7.22
N ASP H 84 -10.73 16.85 -7.24
CA ASP H 84 -11.47 16.69 -5.99
C ASP H 84 -11.14 15.35 -5.34
N SER H 85 -11.10 14.28 -6.14
CA SER H 85 -10.74 12.98 -5.58
C SER H 85 -9.31 13.00 -5.04
N LEU H 86 -8.40 13.68 -5.75
CA LEU H 86 -7.02 13.78 -5.27
C LEU H 86 -6.94 14.51 -3.94
N VAL H 87 -7.66 15.62 -3.79
CA VAL H 87 -7.65 16.36 -2.54
C VAL H 87 -8.23 15.50 -1.42
N HIS H 88 -9.34 14.80 -1.70
CA HIS H 88 -9.92 13.92 -0.69
C HIS H 88 -8.94 12.83 -0.28
N ASP H 89 -8.22 12.25 -1.23
CA ASP H 89 -7.28 11.18 -0.92
C ASP H 89 -6.10 11.70 -0.09
N ILE H 90 -5.57 12.86 -0.44
CA ILE H 90 -4.47 13.44 0.34
C ILE H 90 -4.94 13.76 1.75
N LEU H 91 -6.16 14.31 1.87
CA LEU H 91 -6.73 14.58 3.18
C LEU H 91 -6.84 13.31 4.00
N ASP H 92 -7.34 12.22 3.39
CA ASP H 92 -7.48 10.96 4.11
C ASP H 92 -6.12 10.43 4.54
N ARG H 93 -5.12 10.50 3.65
CA ARG H 93 -3.79 10.01 4.00
C ARG H 93 -3.21 10.78 5.19
N ILE H 94 -3.25 12.11 5.13
CA ILE H 94 -2.68 12.91 6.21
C ILE H 94 -3.45 12.67 7.51
N ALA H 95 -4.78 12.58 7.42
CA ALA H 95 -5.58 12.36 8.62
C ALA H 95 -5.28 11.01 9.25
N THR H 96 -5.15 9.96 8.43
CA THR H 96 -4.83 8.64 8.97
C THR H 96 -3.46 8.63 9.61
N GLU H 97 -2.47 9.27 8.99
CA GLU H 97 -1.13 9.31 9.59
C GLU H 97 -1.14 10.08 10.90
N ALA H 98 -1.85 11.21 10.96
CA ALA H 98 -1.90 11.98 12.19
C ALA H 98 -2.64 11.22 13.28
N GLY H 99 -3.73 10.53 12.92
CA GLY H 99 -4.43 9.73 13.92
C GLY H 99 -3.59 8.58 14.44
N ARG H 100 -2.83 7.92 13.56
CA ARG H 100 -1.93 6.87 14.00
C ARG H 100 -0.85 7.42 14.93
N LEU H 101 -0.30 8.59 14.61
CA LEU H 101 0.68 9.21 15.50
C LEU H 101 0.07 9.54 16.85
N ALA H 102 -1.15 10.10 16.85
CA ALA H 102 -1.81 10.43 18.11
C ALA H 102 -2.05 9.19 18.95
N ARG H 103 -2.54 8.11 18.33
CA ARG H 103 -2.78 6.87 19.04
C ARG H 103 -1.48 6.20 19.49
N SER H 104 -0.37 6.48 18.82
CA SER H 104 0.92 5.91 19.22
C SER H 104 1.33 6.38 20.61
N THR H 105 1.16 7.67 20.89
CA THR H 105 1.58 8.27 22.15
C THR H 105 0.43 8.35 23.17
N LYS H 106 -0.54 7.46 23.08
CA LYS H 106 -1.65 7.37 24.03
C LYS H 106 -2.45 8.68 24.08
N ARG H 107 -2.48 9.42 22.99
CA ARG H 107 -3.23 10.66 22.88
C ARG H 107 -4.46 10.42 22.02
N GLN H 108 -5.64 10.78 22.54
CA GLN H 108 -6.88 10.62 21.82
C GLN H 108 -7.35 11.93 21.18
N THR H 109 -6.42 12.78 20.79
CA THR H 109 -6.74 14.01 20.08
C THR H 109 -5.75 14.19 18.93
N ILE H 110 -6.19 14.87 17.89
CA ILE H 110 -5.39 15.13 16.70
C ILE H 110 -5.33 16.65 16.55
N THR H 111 -4.29 17.25 17.11
CA THR H 111 -4.14 18.69 17.13
C THR H 111 -3.14 19.14 16.06
N ALA H 112 -2.75 20.42 16.11
CA ALA H 112 -1.86 20.95 15.08
C ALA H 112 -0.51 20.25 15.07
N TRP H 113 -0.02 19.82 16.24
CA TRP H 113 1.25 19.12 16.29
C TRP H 113 1.19 17.80 15.53
N GLU H 114 0.11 17.03 15.74
CA GLU H 114 -0.02 15.75 15.07
C GLU H 114 -0.15 15.91 13.55
N THR H 115 -0.94 16.88 13.11
CA THR H 115 -1.08 17.11 11.66
C THR H 115 0.23 17.61 11.07
N ARG H 116 0.95 18.45 11.79
CA ARG H 116 2.24 18.96 11.32
C ARG H 116 3.24 17.81 11.14
N MET H 117 3.32 16.92 12.14
CA MET H 117 4.21 15.78 12.02
C MET H 117 3.76 14.82 10.93
N ALA H 118 2.44 14.64 10.77
CA ALA H 118 1.95 13.79 9.69
C ALA H 118 2.33 14.33 8.32
N VAL H 119 2.22 15.65 8.13
CA VAL H 119 2.61 16.26 6.86
C VAL H 119 4.11 16.12 6.65
N ARG H 120 4.90 16.39 7.69
CA ARG H 120 6.36 16.29 7.55
C ARG H 120 6.80 14.88 7.22
N LEU H 121 6.16 13.89 7.86
CA LEU H 121 6.47 12.48 7.69
C LEU H 121 5.85 11.87 6.44
N LEU H 122 4.88 12.54 5.80
CA LEU H 122 4.26 12.05 4.59
C LEU H 122 4.73 12.77 3.34
N LEU H 123 5.34 13.94 3.48
CA LEU H 123 5.78 14.76 2.35
C LEU H 123 7.27 15.06 2.53
N PRO H 124 8.14 14.09 2.25
CA PRO H 124 9.57 14.37 2.33
C PRO H 124 10.02 15.28 1.19
N GLY H 125 11.11 16.01 1.45
CA GLY H 125 11.68 16.88 0.45
C GLY H 125 11.34 18.34 0.68
N GLN H 126 11.67 19.15 -0.32
CA GLN H 126 11.45 20.59 -0.24
C GLN H 126 9.98 20.94 -0.19
N MET H 127 9.13 20.17 -0.88
CA MET H 127 7.70 20.44 -0.86
C MET H 127 7.15 20.29 0.55
N GLY H 128 7.66 19.32 1.32
CA GLY H 128 7.23 19.17 2.70
C GLY H 128 7.60 20.37 3.55
N LYS H 129 8.82 20.89 3.38
CA LYS H 129 9.23 22.07 4.14
C LYS H 129 8.37 23.28 3.76
N LEU H 130 8.10 23.46 2.47
CA LEU H 130 7.27 24.58 2.04
C LEU H 130 5.85 24.46 2.58
N ALA H 131 5.28 23.25 2.55
CA ALA H 131 3.93 23.04 3.07
C ALA H 131 3.89 23.28 4.58
N GLU H 132 4.91 22.84 5.30
CA GLU H 132 4.96 23.06 6.73
C GLU H 132 5.07 24.54 7.06
N SER H 133 5.90 25.28 6.31
CA SER H 133 6.00 26.71 6.53
C SER H 133 4.67 27.41 6.25
N GLU H 134 3.99 26.99 5.18
CA GLU H 134 2.69 27.57 4.86
C GLU H 134 1.67 27.28 5.96
N GLY H 135 1.66 26.06 6.48
CA GLY H 135 0.73 25.71 7.55
C GLY H 135 1.02 26.48 8.84
N THR H 136 2.30 26.61 9.19
CA THR H 136 2.65 27.40 10.37
C THR H 136 2.26 28.86 10.19
N LYS H 137 2.46 29.40 8.99
CA LYS H 137 2.02 30.76 8.71
C LYS H 137 0.51 30.91 8.88
N ALA H 138 -0.26 29.94 8.37
CA ALA H 138 -1.70 30.01 8.50
C ALA H 138 -2.14 29.92 9.96
N VAL H 139 -1.52 29.03 10.74
CA VAL H 139 -1.88 28.90 12.15
C VAL H 139 -1.53 30.18 12.91
N LEU H 140 -0.35 30.75 12.62
CA LEU H 140 0.04 32.00 13.27
C LEU H 140 -0.90 33.14 12.90
N ARG H 141 -1.31 33.21 11.64
CA ARG H 141 -2.25 34.25 11.23
C ARG H 141 -3.59 34.09 11.92
N THR H 142 -4.06 32.85 12.06
CA THR H 142 -5.30 32.60 12.80
C THR H 142 -5.16 33.04 14.26
N SER H 143 -4.02 32.71 14.87
CA SER H 143 -3.79 33.11 16.26
C SER H 143 -3.62 34.61 16.43
N LEU H 144 -3.40 35.35 15.34
CA LEU H 144 -3.27 36.79 15.44
C LEU H 144 -4.61 37.49 15.63
N TYR H 145 -5.73 36.79 15.48
CA TYR H 145 -7.05 37.35 15.75
C TYR H 145 -7.34 37.27 17.24
N ALA H 146 -6.62 38.09 18.00
CA ALA H 146 -6.76 38.13 19.45
C ALA H 146 -6.29 39.47 20.00
#